data_2IFO
# 
_entry.id   2IFO 
# 
_audit_conform.dict_name       mmcif_pdbx.dic 
_audit_conform.dict_version    5.387 
_audit_conform.dict_location   http://mmcif.pdb.org/dictionaries/ascii/mmcif_pdbx.dic 
# 
loop_
_database_2.database_id 
_database_2.database_code 
_database_2.pdbx_database_accession 
_database_2.pdbx_DOI 
PDB   2IFO         pdb_00002ifo 10.2210/pdb2ifo/pdb 
WWPDB D_1000178245 ?            ?                   
# 
loop_
_pdbx_audit_revision_history.ordinal 
_pdbx_audit_revision_history.data_content_type 
_pdbx_audit_revision_history.major_revision 
_pdbx_audit_revision_history.minor_revision 
_pdbx_audit_revision_history.revision_date 
1 'Structure model' 1 0 1994-11-30 
2 'Structure model' 1 1 2008-03-24 
3 'Structure model' 1 2 2011-07-13 
4 'Structure model' 1 3 2024-02-21 
# 
_pdbx_audit_revision_details.ordinal             1 
_pdbx_audit_revision_details.revision_ordinal    1 
_pdbx_audit_revision_details.data_content_type   'Structure model' 
_pdbx_audit_revision_details.provider            repository 
_pdbx_audit_revision_details.type                'Initial release' 
_pdbx_audit_revision_details.description         ? 
_pdbx_audit_revision_details.details             ? 
# 
loop_
_pdbx_audit_revision_group.ordinal 
_pdbx_audit_revision_group.revision_ordinal 
_pdbx_audit_revision_group.data_content_type 
_pdbx_audit_revision_group.group 
1 2 'Structure model' 'Version format compliance' 
2 3 'Structure model' 'Version format compliance' 
3 4 'Structure model' 'Data collection'           
4 4 'Structure model' 'Database references'       
5 4 'Structure model' 'Derived calculations'      
6 4 'Structure model' Other                       
# 
loop_
_pdbx_audit_revision_category.ordinal 
_pdbx_audit_revision_category.revision_ordinal 
_pdbx_audit_revision_category.data_content_type 
_pdbx_audit_revision_category.category 
1 4 'Structure model' chem_comp_atom        
2 4 'Structure model' chem_comp_bond        
3 4 'Structure model' database_2            
4 4 'Structure model' pdbx_database_status  
5 4 'Structure model' pdbx_struct_oper_list 
6 4 'Structure model' struct_ref_seq_dif    
# 
loop_
_pdbx_audit_revision_item.ordinal 
_pdbx_audit_revision_item.revision_ordinal 
_pdbx_audit_revision_item.data_content_type 
_pdbx_audit_revision_item.item 
1 4 'Structure model' '_database_2.pdbx_DOI'                      
2 4 'Structure model' '_database_2.pdbx_database_accession'       
3 4 'Structure model' '_pdbx_database_status.process_site'        
4 4 'Structure model' '_pdbx_struct_oper_list.name'               
5 4 'Structure model' '_pdbx_struct_oper_list.symmetry_operation' 
6 4 'Structure model' '_pdbx_struct_oper_list.type'               
7 4 'Structure model' '_struct_ref_seq_dif.details'               
# 
_pdbx_database_status.status_code                     REL 
_pdbx_database_status.entry_id                        2IFO 
_pdbx_database_status.recvd_initial_deposition_date   1994-08-08 
_pdbx_database_status.deposit_site                    ? 
_pdbx_database_status.process_site                    BNL 
_pdbx_database_status.SG_entry                        . 
_pdbx_database_status.pdb_format_compatible           Y 
_pdbx_database_status.status_code_mr                  ? 
_pdbx_database_status.status_code_sf                  ? 
_pdbx_database_status.status_code_cs                  ? 
_pdbx_database_status.status_code_nmr_data            ? 
_pdbx_database_status.methods_development_category    ? 
# 
loop_
_pdbx_database_related.db_name 
_pdbx_database_related.db_id 
_pdbx_database_related.details 
_pdbx_database_related.content_type 
PDB 1IFD . unspecified 
PDB 1IFM . unspecified 
PDB 2IFM . unspecified 
PDB 3IFM . unspecified 
PDB 4IFM . unspecified 
PDB 1IFI . unspecified 
PDB 1IFJ . unspecified 
PDB 1IFK . unspecified 
PDB 1IFL . unspecified 
PDB 1IFN . unspecified 
# 
_audit_author.name           'Marvin, D.A.' 
_audit_author.pdbx_ordinal   1 
# 
loop_
_citation.id 
_citation.title 
_citation.journal_abbrev 
_citation.journal_volume 
_citation.page_first 
_citation.page_last 
_citation.year 
_citation.journal_id_ASTM 
_citation.country 
_citation.journal_id_ISSN 
_citation.journal_id_CSD 
_citation.book_publisher 
_citation.pdbx_database_id_PubMed 
_citation.pdbx_database_id_DOI 
primary 'Model-building studies of Inovirus: genetic variations on a geometric theme.'               Int.J.Biol.Macromol. 12 125 
138 1990 IJBMDR UK 0141-8130 0708 ? 2078529 '10.1016/0141-8130(90)90064-H' 
1       'Dynamics of Telescoping Inovirus: A Mechanism for Assembly at Membrane Adhesions'           Int.J.Biol.Macromol. 11 159 ? 
1989 IJBMDR UK 0141-8130 0708 ? ?       ?                              
2       'Filamentous Bacterial Viruses Xii. Molecular Architecture of the Class II (Pf1, Xf) Virion' J.Mol.Biol.          82 121 ? 
1974 JMOBAK UK 0022-2836 0070 ? ?       ?                              
# 
loop_
_citation_author.citation_id 
_citation_author.name 
_citation_author.ordinal 
_citation_author.identifier_ORCID 
primary 'Marvin, D.A.'  1 ? 
1       'Marvin, D.A.'  2 ? 
2       'Marvin, D.A.'  3 ? 
2       'Wiseman, R.L.' 4 ? 
2       'Wachtel, E.J.' 5 ? 
# 
_entity.id                         1 
_entity.type                       polymer 
_entity.src_method                 man 
_entity.pdbx_description           INOVIRUS 
_entity.formula_weight             4459.245 
_entity.pdbx_number_of_molecules   1 
_entity.pdbx_ec                    ? 
_entity.pdbx_mutation              ? 
_entity.pdbx_fragment              ? 
_entity.details                    ? 
# 
_entity_poly.entity_id                      1 
_entity_poly.type                           'polypeptide(L)' 
_entity_poly.nstd_linkage                   no 
_entity_poly.nstd_monomer                   no 
_entity_poly.pdbx_seq_one_letter_code       SGGGGVDVGDVVSAIQGAAGPIAAIGGAVLTVMVGIKVYKWVRRAM 
_entity_poly.pdbx_seq_one_letter_code_can   SGGGGVDVGDVVSAIQGAAGPIAAIGGAVLTVMVGIKVYKWVRRAM 
_entity_poly.pdbx_strand_id                 A 
_entity_poly.pdbx_target_identifier         ? 
# 
loop_
_entity_poly_seq.entity_id 
_entity_poly_seq.num 
_entity_poly_seq.mon_id 
_entity_poly_seq.hetero 
1 1  SER n 
1 2  GLY n 
1 3  GLY n 
1 4  GLY n 
1 5  GLY n 
1 6  VAL n 
1 7  ASP n 
1 8  VAL n 
1 9  GLY n 
1 10 ASP n 
1 11 VAL n 
1 12 VAL n 
1 13 SER n 
1 14 ALA n 
1 15 ILE n 
1 16 GLN n 
1 17 GLY n 
1 18 ALA n 
1 19 ALA n 
1 20 GLY n 
1 21 PRO n 
1 22 ILE n 
1 23 ALA n 
1 24 ALA n 
1 25 ILE n 
1 26 GLY n 
1 27 GLY n 
1 28 ALA n 
1 29 VAL n 
1 30 LEU n 
1 31 THR n 
1 32 VAL n 
1 33 MET n 
1 34 VAL n 
1 35 GLY n 
1 36 ILE n 
1 37 LYS n 
1 38 VAL n 
1 39 TYR n 
1 40 LYS n 
1 41 TRP n 
1 42 VAL n 
1 43 ARG n 
1 44 ARG n 
1 45 ALA n 
1 46 MET n 
# 
_entity_src_gen.entity_id                          1 
_entity_src_gen.pdbx_src_id                        1 
_entity_src_gen.pdbx_alt_source_flag               sample 
_entity_src_gen.pdbx_seq_type                      ? 
_entity_src_gen.pdbx_beg_seq_num                   ? 
_entity_src_gen.pdbx_end_seq_num                   ? 
_entity_src_gen.gene_src_common_name               ? 
_entity_src_gen.gene_src_genus                     ? 
_entity_src_gen.pdbx_gene_src_gene                 ? 
_entity_src_gen.gene_src_species                   ? 
_entity_src_gen.gene_src_strain                    'XF MAJOR' 
_entity_src_gen.gene_src_tissue                    ? 
_entity_src_gen.gene_src_tissue_fraction           ? 
_entity_src_gen.gene_src_details                   ? 
_entity_src_gen.pdbx_gene_src_fragment             ? 
_entity_src_gen.pdbx_gene_src_scientific_name      'Filamentous phage' 
_entity_src_gen.pdbx_gene_src_ncbi_taxonomy_id     12420 
_entity_src_gen.pdbx_gene_src_variant              ? 
_entity_src_gen.pdbx_gene_src_cell_line            ? 
_entity_src_gen.pdbx_gene_src_atcc                 ? 
_entity_src_gen.pdbx_gene_src_organ                ? 
_entity_src_gen.pdbx_gene_src_organelle            ? 
_entity_src_gen.pdbx_gene_src_cell                 ? 
_entity_src_gen.pdbx_gene_src_cellular_location    ? 
_entity_src_gen.host_org_common_name               ? 
_entity_src_gen.pdbx_host_org_scientific_name      ? 
_entity_src_gen.pdbx_host_org_ncbi_taxonomy_id     ? 
_entity_src_gen.host_org_genus                     ? 
_entity_src_gen.pdbx_host_org_gene                 ? 
_entity_src_gen.pdbx_host_org_organ                ? 
_entity_src_gen.host_org_species                   ? 
_entity_src_gen.pdbx_host_org_tissue               ? 
_entity_src_gen.pdbx_host_org_tissue_fraction      ? 
_entity_src_gen.pdbx_host_org_strain               ? 
_entity_src_gen.pdbx_host_org_variant              ? 
_entity_src_gen.pdbx_host_org_cell_line            ? 
_entity_src_gen.pdbx_host_org_atcc                 ? 
_entity_src_gen.pdbx_host_org_culture_collection   ? 
_entity_src_gen.pdbx_host_org_cell                 ? 
_entity_src_gen.pdbx_host_org_organelle            ? 
_entity_src_gen.pdbx_host_org_cellular_location    ? 
_entity_src_gen.pdbx_host_org_vector_type          ? 
_entity_src_gen.pdbx_host_org_vector               ? 
_entity_src_gen.host_org_details                   ? 
_entity_src_gen.expression_system_id               ? 
_entity_src_gen.plasmid_name                       ? 
_entity_src_gen.plasmid_details                    ? 
_entity_src_gen.pdbx_description                   ? 
# 
loop_
_chem_comp.id 
_chem_comp.type 
_chem_comp.mon_nstd_flag 
_chem_comp.name 
_chem_comp.pdbx_synonyms 
_chem_comp.formula 
_chem_comp.formula_weight 
ALA 'L-peptide linking' y ALANINE         ? 'C3 H7 N O2'     89.093  
ARG 'L-peptide linking' y ARGININE        ? 'C6 H15 N4 O2 1' 175.209 
ASP 'L-peptide linking' y 'ASPARTIC ACID' ? 'C4 H7 N O4'     133.103 
GLN 'L-peptide linking' y GLUTAMINE       ? 'C5 H10 N2 O3'   146.144 
GLU 'L-peptide linking' y 'GLUTAMIC ACID' ? 'C5 H9 N O4'     147.129 
GLY 'peptide linking'   y GLYCINE         ? 'C2 H5 N O2'     75.067  
ILE 'L-peptide linking' y ISOLEUCINE      ? 'C6 H13 N O2'    131.173 
LEU 'L-peptide linking' y LEUCINE         ? 'C6 H13 N O2'    131.173 
LYS 'L-peptide linking' y LYSINE          ? 'C6 H15 N2 O2 1' 147.195 
MET 'L-peptide linking' y METHIONINE      ? 'C5 H11 N O2 S'  149.211 
PRO 'L-peptide linking' y PROLINE         ? 'C5 H9 N O2'     115.130 
SER 'L-peptide linking' y SERINE          ? 'C3 H7 N O3'     105.093 
THR 'L-peptide linking' y THREONINE       ? 'C4 H9 N O3'     119.119 
TRP 'L-peptide linking' y TRYPTOPHAN      ? 'C11 H12 N2 O2'  204.225 
TYR 'L-peptide linking' y TYROSINE        ? 'C9 H11 N O3'    181.189 
VAL 'L-peptide linking' y VALINE          ? 'C5 H11 N O2'    117.146 
# 
loop_
_pdbx_poly_seq_scheme.asym_id 
_pdbx_poly_seq_scheme.entity_id 
_pdbx_poly_seq_scheme.seq_id 
_pdbx_poly_seq_scheme.mon_id 
_pdbx_poly_seq_scheme.ndb_seq_num 
_pdbx_poly_seq_scheme.pdb_seq_num 
_pdbx_poly_seq_scheme.auth_seq_num 
_pdbx_poly_seq_scheme.pdb_mon_id 
_pdbx_poly_seq_scheme.auth_mon_id 
_pdbx_poly_seq_scheme.pdb_strand_id 
_pdbx_poly_seq_scheme.pdb_ins_code 
_pdbx_poly_seq_scheme.hetero 
A 1 1  SER 1  1  1  SER SER A . n 
A 1 2  GLY 2  2  2  GLY GLY A . n 
A 1 3  GLY 3  3  3  GLY GLY A . n 
A 1 4  GLY 4  4  4  GLY GLY A . n 
A 1 5  GLY 5  5  5  GLY GLY A . n 
A 1 6  VAL 6  6  6  VAL VAL A . n 
A 1 7  ASP 7  7  7  ASP ASP A . n 
A 1 8  VAL 8  8  8  VAL VAL A . n 
A 1 9  GLY 9  9  9  GLY GLY A . n 
A 1 10 ASP 10 10 10 ASP ASP A . n 
A 1 11 VAL 11 11 11 VAL VAL A . n 
A 1 12 VAL 12 12 12 VAL VAL A . n 
A 1 13 SER 13 13 13 SER SER A . n 
A 1 14 ALA 14 14 14 ALA ALA A . n 
A 1 15 ILE 15 15 15 ILE ILE A . n 
A 1 16 GLN 16 16 16 GLN GLN A . n 
A 1 17 GLY 17 17 17 GLY GLY A . n 
A 1 18 ALA 18 18 18 ALA ALA A . n 
A 1 19 ALA 19 19 19 ALA ALA A . n 
A 1 20 GLY 20 20 20 GLY GLY A . n 
A 1 21 PRO 21 21 21 PRO PRO A . n 
A 1 22 ILE 22 22 22 ILE ILE A . n 
A 1 23 ALA 23 23 23 ALA ALA A . n 
A 1 24 ALA 24 24 24 ALA ALA A . n 
A 1 25 ILE 25 25 25 ILE ILE A . n 
A 1 26 GLY 26 26 26 GLY GLY A . n 
A 1 27 GLY 27 27 27 GLY GLY A . n 
A 1 28 ALA 28 28 28 ALA ALA A . n 
A 1 29 VAL 29 29 29 VAL VAL A . n 
A 1 30 LEU 30 30 30 LEU LEU A . n 
A 1 31 THR 31 31 31 THR THR A . n 
A 1 32 VAL 32 32 32 VAL VAL A . n 
A 1 33 MET 33 33 33 MET MET A . n 
A 1 34 VAL 34 34 34 VAL VAL A . n 
A 1 35 GLY 35 35 35 GLY GLY A . n 
A 1 36 ILE 36 36 36 ILE ILE A . n 
A 1 37 LYS 37 37 37 LYS LYS A . n 
A 1 38 VAL 38 38 38 VAL VAL A . n 
A 1 39 TYR 39 39 39 TYR TYR A . n 
A 1 40 LYS 40 40 40 LYS LYS A . n 
A 1 41 TRP 41 41 41 TRP TRP A . n 
A 1 42 VAL 42 42 42 VAL VAL A . n 
A 1 43 ARG 43 43 43 ARG ARG A . n 
A 1 44 ARG 44 44 44 ARG ARG A . n 
A 1 45 ALA 45 45 45 ALA ALA A . n 
A 1 46 MET 46 46 46 MET MET A . n 
# 
_software.name             EREF 
_software.classification   refinement 
_software.version          . 
_software.citation_id      ? 
_software.pdbx_ordinal     1 
# 
_cell.entry_id           2IFO 
_cell.length_a           1.000 
_cell.length_b           1.000 
_cell.length_c           1.000 
_cell.angle_alpha        90.00 
_cell.angle_beta         90.00 
_cell.angle_gamma        90.00 
_cell.Z_PDB              1 
_cell.pdbx_unique_axis   ? 
# 
_symmetry.entry_id                         2IFO 
_symmetry.space_group_name_H-M             'P 1' 
_symmetry.pdbx_full_space_group_name_H-M   ? 
_symmetry.cell_setting                     ? 
_symmetry.Int_Tables_number                1 
# 
_exptl.entry_id          2IFO 
_exptl.method            'FIBER DIFFRACTION' 
_exptl.crystals_number   ? 
# 
_refine.entry_id                                 2IFO 
_refine.ls_d_res_high                            . 
_refine.details                                  
;THE TEMPERATURE FACTOR WAS NOT REFINED AND IS GIVEN THE
ARBITRARY VALUE OF 10.
;
_refine.pdbx_refine_id                           'FIBER DIFFRACTION' 
_refine.ls_d_res_low                             . 
_refine.pdbx_diffrn_id                           1 
_refine.pdbx_TLS_residual_ADP_flag               ? 
_refine.ls_number_reflns_obs                     ? 
_refine.ls_number_reflns_all                     ? 
_refine.pdbx_ls_sigma_I                          ? 
_refine.pdbx_ls_sigma_F                          ? 
_refine.pdbx_data_cutoff_high_absF               ? 
_refine.pdbx_data_cutoff_low_absF                ? 
_refine.pdbx_data_cutoff_high_rms_absF           ? 
_refine.ls_percent_reflns_obs                    ? 
_refine.ls_R_factor_obs                          ? 
_refine.ls_R_factor_all                          ? 
_refine.ls_R_factor_R_work                       ? 
_refine.ls_R_factor_R_free                       ? 
_refine.ls_R_factor_R_free_error                 ? 
_refine.ls_R_factor_R_free_error_details         ? 
_refine.ls_percent_reflns_R_free                 ? 
_refine.ls_number_reflns_R_free                  ? 
_refine.ls_number_parameters                     ? 
_refine.ls_number_restraints                     ? 
_refine.occupancy_min                            ? 
_refine.occupancy_max                            ? 
_refine.correlation_coeff_Fo_to_Fc               ? 
_refine.correlation_coeff_Fo_to_Fc_free          ? 
_refine.B_iso_mean                               ? 
_refine.aniso_B[1][1]                            ? 
_refine.aniso_B[2][2]                            ? 
_refine.aniso_B[3][3]                            ? 
_refine.aniso_B[1][2]                            ? 
_refine.aniso_B[1][3]                            ? 
_refine.aniso_B[2][3]                            ? 
_refine.solvent_model_details                    ? 
_refine.solvent_model_param_ksol                 ? 
_refine.solvent_model_param_bsol                 ? 
_refine.pdbx_solvent_vdw_probe_radii             ? 
_refine.pdbx_solvent_ion_probe_radii             ? 
_refine.pdbx_solvent_shrinkage_radii             ? 
_refine.pdbx_ls_cross_valid_method               ? 
_refine.pdbx_starting_model                      ? 
_refine.pdbx_method_to_determine_struct          ? 
_refine.pdbx_isotropic_thermal_model             ? 
_refine.pdbx_stereochemistry_target_values       ? 
_refine.pdbx_stereochem_target_val_spec_case     ? 
_refine.pdbx_R_Free_selection_details            ? 
_refine.pdbx_overall_ESU_R                       ? 
_refine.pdbx_overall_ESU_R_Free                  ? 
_refine.overall_SU_ML                            ? 
_refine.pdbx_overall_phase_error                 ? 
_refine.overall_SU_B                             ? 
_refine.overall_SU_R_Cruickshank_DPI             ? 
_refine.pdbx_overall_SU_R_free_Cruickshank_DPI   ? 
_refine.pdbx_overall_SU_R_Blow_DPI               ? 
_refine.pdbx_overall_SU_R_free_Blow_DPI          ? 
# 
_refine_hist.pdbx_refine_id                   'FIBER DIFFRACTION' 
_refine_hist.cycle_id                         LAST 
_refine_hist.pdbx_number_atoms_protein        312 
_refine_hist.pdbx_number_atoms_nucleic_acid   0 
_refine_hist.pdbx_number_atoms_ligand         0 
_refine_hist.number_atoms_solvent             0 
_refine_hist.number_atoms_total               312 
_refine_hist.d_res_high                       . 
_refine_hist.d_res_low                        . 
# 
_struct.entry_id                  2IFO 
_struct.title                     'MODEL-BUILDING STUDIES OF INOVIRUS: GENETIC VARIATIONS ON A GEOMETRIC THEME' 
_struct.pdbx_model_details        ? 
_struct.pdbx_CASP_flag            ? 
_struct.pdbx_model_type_details   ? 
# 
_struct_keywords.entry_id        2IFO 
_struct_keywords.pdbx_keywords   VIRUS 
_struct_keywords.text            'VIRUS, Helical virus' 
# 
_struct_asym.id                            A 
_struct_asym.pdbx_blank_PDB_chainid_flag   Y 
_struct_asym.pdbx_modified                 N 
_struct_asym.entity_id                     1 
_struct_asym.details                       ? 
# 
_struct_ref.id                         1 
_struct_ref.db_name                    UNP 
_struct_ref.db_code                    COATB_BPXF 
_struct_ref.entity_id                  1 
_struct_ref.pdbx_db_accession          P03622 
_struct_ref.pdbx_align_begin           1 
_struct_ref.pdbx_seq_one_letter_code   SGVGDGVDVVSAIEGAAGPIAAIGGAVLTVMVGIKVYKWVRRAM 
_struct_ref.pdbx_db_isoform            ? 
# 
_struct_ref_seq.align_id                      1 
_struct_ref_seq.ref_id                        1 
_struct_ref_seq.pdbx_PDB_id_code              2IFO 
_struct_ref_seq.pdbx_strand_id                A 
_struct_ref_seq.seq_align_beg                 10 
_struct_ref_seq.pdbx_seq_align_beg_ins_code   ? 
_struct_ref_seq.seq_align_end                 46 
_struct_ref_seq.pdbx_seq_align_end_ins_code   ? 
_struct_ref_seq.pdbx_db_accession             P03622 
_struct_ref_seq.db_align_beg                  8 
_struct_ref_seq.pdbx_db_align_beg_ins_code    ? 
_struct_ref_seq.db_align_end                  44 
_struct_ref_seq.pdbx_db_align_end_ins_code    ? 
_struct_ref_seq.pdbx_auth_seq_align_beg       10 
_struct_ref_seq.pdbx_auth_seq_align_end       46 
# 
_struct_ref_seq_dif.align_id                     1 
_struct_ref_seq_dif.pdbx_pdb_id_code             2IFO 
_struct_ref_seq_dif.mon_id                       GLN 
_struct_ref_seq_dif.pdbx_pdb_strand_id           A 
_struct_ref_seq_dif.seq_num                      16 
_struct_ref_seq_dif.pdbx_pdb_ins_code            ? 
_struct_ref_seq_dif.pdbx_seq_db_name             UNP 
_struct_ref_seq_dif.pdbx_seq_db_accession_code   P03622 
_struct_ref_seq_dif.db_mon_id                    GLU 
_struct_ref_seq_dif.pdbx_seq_db_seq_num          14 
_struct_ref_seq_dif.details                      conflict 
_struct_ref_seq_dif.pdbx_auth_seq_num            16 
_struct_ref_seq_dif.pdbx_ordinal                 1 
# 
loop_
_pdbx_struct_assembly.id 
_pdbx_struct_assembly.details 
_pdbx_struct_assembly.method_details 
_pdbx_struct_assembly.oligomeric_details 
_pdbx_struct_assembly.oligomeric_count 
1 'representative helical assembly'            ? helical   35 
2 'helical asymmetric unit'                    ? monomeric 1  
3 'helical asymmetric unit, std helical frame' ? monomeric 1  
# 
loop_
_pdbx_struct_assembly_gen.assembly_id 
_pdbx_struct_assembly_gen.oper_expression 
_pdbx_struct_assembly_gen.asym_id_list 
1 '(1-35)' A 
2 1        A 
3 H        A 
# 
loop_
_pdbx_struct_oper_list.id 
_pdbx_struct_oper_list.type 
_pdbx_struct_oper_list.name 
_pdbx_struct_oper_list.symmetry_operation 
_pdbx_struct_oper_list.matrix[1][1] 
_pdbx_struct_oper_list.matrix[1][2] 
_pdbx_struct_oper_list.matrix[1][3] 
_pdbx_struct_oper_list.vector[1] 
_pdbx_struct_oper_list.matrix[2][1] 
_pdbx_struct_oper_list.matrix[2][2] 
_pdbx_struct_oper_list.matrix[2][3] 
_pdbx_struct_oper_list.vector[2] 
_pdbx_struct_oper_list.matrix[3][1] 
_pdbx_struct_oper_list.matrix[3][2] 
_pdbx_struct_oper_list.matrix[3][3] 
_pdbx_struct_oper_list.vector[3] 
H  'identity operation'         1_555 x,y,z 1.00000000  0.00000000  0.00000000  0.00000   0.00000000  1.00000000 0.00000000  0.00000   0.00000000  0.00000000  1.00000000  0.00000   
1  'helical symmetry operation' ?     ?     0.78809185  -0.32534421 -0.52255371 9.74394   0.18458514  0.93474998 -0.30359645 -42.73122 0.58723042  0.14280624  0.79672255  30.69302  
2  'helical symmetry operation' ?     ?     0.91499120  0.13972454  0.37850781  17.78191  -0.19619127 0.97382439 0.11478263  -44.76997 -0.35256219 -0.17928503 0.91845348  11.44168  
3  'helical symmetry operation' ?     ?     0.09822116  0.09254769  0.99085192  4.71288   -0.69155040 0.72232739 0.00108507  -52.97236 -0.71561906 -0.68533062 0.13494923  -2.74639  
4  'helical symmetry operation' ?     ?     -0.69531195 -0.41102599 0.58957521  -15.23132 -0.71507766 0.47798543 -0.51009201 -54.54676 -0.07214729 -0.77626513 -0.62626449 3.50901   
5  'helical symmetry operation' ?     ?     -0.52621009 -0.77485740 -0.35028410 -19.67991 -0.23892108 0.53005469 -0.81360847 -44.54789 0.81610027  -0.34443873 -0.46404989 21.38672  
6  'helical symmetry operation' ?     ?     0.40534106  -0.56823669 -0.71610452 -4.60608  0.17323705  0.81689469 -0.55015634 -31.73108 0.89760099  0.09894512  0.42956061  28.30690  
7  'helical symmetry operation' ?     ?     0.99655536  -0.03576499 -0.07482159 10.90600  0.03347690  0.99893934 -0.03161474 -28.18761 0.07587293  0.02900104  0.99669566  14.66143  
8  'helical symmetry operation' ?     ?     0.54754323  0.19220861  0.81440301  7.25337   -0.49275107 0.86068108 0.12815792  -35.03080 -0.67630821 -0.47146996 0.56597110  -4.81185  
9  'helical symmetry operation' ?     ?     -0.41014712 -0.15419492 0.89889002  -12.47945 -0.78248922 0.56579240 -0.25997995 -41.07808 -0.46849755 -0.81000178 -0.35271398 -8.47604  
10 'helical symmetry operation' ?     ?     -0.74278549 -0.66489718 0.07862228  -26.17190 -0.49274058 0.46336754 -0.73654412 -36.08908 0.45329510  -0.58583467 -0.67180451 6.59069   
11 'helical symmetry operation' ?     ?     -0.05658891 -0.73532011 -0.67535326 -18.85415 0.03348548  0.67465881 -0.73736979 -22.88838 0.99783586  -0.06434148 -0.01355566 21.13619  
12 'helical symmetry operation' ?     ?     0.83611140  -0.28209585 -0.47046750 -0.42857  0.17323355  0.94953599 -0.26147952 -14.02170 0.52048811  0.13712525  0.84278633  16.52535  
13 'helical symmetry operation' ?     ?     0.87852158  0.15824099  0.45073232  6.05281   -0.23893251 0.96259479 0.12775967  -16.90407 -0.41365576 -0.21993423 0.88346921  -3.19934  
14 'helical symmetry operation' ?     ?     0.02043574  0.06441214  0.99771411  -8.32229  -0.71508348 0.69837597 -0.03044022 -25.04181 -0.69874028 -0.71282682 0.06033189  -16.10336 
15 'helical symmetry operation' ?     ?     -0.72232947 -0.45250620 0.52295151  -27.77588 -0.69154373 0.46966629 -0.54879946 -25.71983 0.00272246  -0.75805786 -0.65218163 -8.32660  
16 'helical symmetry operation' ?     ?     -0.47047591 -0.78057728 -0.41152342 -30.51798 -0.19618000 0.54721617 -0.81367553 -15.05399 0.86032890  -0.30208207 -0.41058568 9.50877   
17 'helical symmetry operation' ?     ?     0.47784788  -0.53142496 -0.69946331 -14.54195 0.18458766  0.83922073 -0.51150363 -2.58920  0.85882991  0.11530863  0.49911433  14.87304  
18 'identity operation'         1_555 x,y,z 1.00000000  0.00000000  0.00000000  0.00000   0.00000000  1.00000000 0.00000000  0.00000   0.00000000  0.00000000  1.00000000  -0.00000  
19 'helical symmetry operation' ?     ?     0.47784788  0.18458766  0.85882991  -5.34664  -0.53142496 0.83922073 0.11530863  -7.27004  -0.69946331 -0.51150363 0.49911433  -18.91930 
20 'helical symmetry operation' ?     ?     -0.47047591 -0.19618000 0.86032890  -25.49194 -0.78057728 0.54721617 -0.30208207 -12.71143 -0.41152342 -0.81367553 -0.41058568 -20.90376 
21 'helical symmetry operation' ?     ?     -0.72232947 -0.69154373 0.00272246  -37.82705 -0.45250620 0.46966629 -0.75805786 -6.80107  0.52295151  -0.54879946 -0.65218163 -5.02005  
22 'helical symmetry operation' ?     ?     0.02043574  -0.71508348 -0.69874028 -28.98898 0.06441214  0.69837597 -0.71282682 6.54575   0.99771411  -0.03044022 0.06033189  8.51253   
23 'helical symmetry operation' ?     ?     0.87852158  -0.23893251 -0.41365576 -10.67988 0.15824099  0.96259479 -0.21993423 14.61032  0.45073232  0.12775967  0.88346921  2.25798   
24 'helical symmetry operation' ?     ?     0.83611140  0.17323355  0.52048811  -5.81389  -0.28209585 0.94953599 0.13712525  10.92716  -0.47046750 -0.26147952 0.84278633  -17.79536 
25 'helical symmetry operation' ?     ?     -0.05658891 0.03348548  0.99783586  -21.39096 -0.73532011 0.67465881 -0.06434148 2.93795   -0.67535326 -0.73736979 -0.01355566 -29.32390 
26 'helical symmetry operation' ?     ?     -0.74278549 -0.49274058 0.45329510  -40.21019 -0.66489718 0.46336754 -0.58583467 3.18194   0.07862228  -0.73654412 -0.67180451 -20.09585 
27 'helical symmetry operation' ?     ?     -0.41014712 -0.78248922 -0.46849755 -41.23257 -0.15419492 0.56579240 -0.81000178 14.45179  0.89889002  -0.25997995 -0.35271398 -2.45144  
28 'helical symmetry operation' ?     ?     0.54754323  -0.49275107 -0.67630821 -24.48729 0.19220861  0.86068108 -0.47146996 26.48754  0.81440301  0.12815792  0.56597110  1.30568   
29 'helical symmetry operation' ?     ?     0.99655536  0.03347690  0.07587293  -11.03721 -0.03576499 0.99893934 0.02900104  28.12257  -0.07482159 -0.03161474 0.99669566  -14.68813 
30 'helical symmetry operation' ?     ?     0.40534106  0.17323705  0.89760099  -18.04427 -0.56823669 0.81689469 0.09894512  20.50278  -0.71610452 -0.55015634 0.42956061  -32.91502 
31 'helical symmetry operation' ?     ?     -0.52621009 -0.23892108 0.81610027  -38.45290 -0.77485740 0.53005469 -0.34443873 15.73011  -0.35028410 -0.81360847 -0.46404989 -33.21360 
32 'helical symmetry operation' ?     ?     -0.69531195 -0.71507766 -0.07214729 -49.34253 -0.41102599 0.47798543 -0.77626513 22.53601  0.58957521  -0.51009201 -0.62626449 -16.64629 
33 'helical symmetry operation' ?     ?     0.09822116  -0.69155040 -0.71561906 -39.06132 0.09254769  0.72232739 -0.68533062 35.94503  0.99085192  0.00108507  0.13494923  -4.24166  
34 'helical symmetry operation' ?     ?     0.91499120  -0.19619127 -0.35256219 -21.01987 0.13972454  0.97382439 -0.17928503 43.16484  0.37850781  0.11478263  0.91845348  -12.10043 
35 'helical symmetry operation' ?     ?     0.78809185  0.18458514  0.58723042  -17.81545 -0.32534421 0.93474998 0.14280624  38.72999  -0.52255371 -0.30359645 0.79672255  -32.33514  
# 
_struct_biol.id   1 
# 
_struct_conf.conf_type_id            HELX_P 
_struct_conf.id                      HELX_P1 
_struct_conf.pdbx_PDB_helix_id       A 
_struct_conf.beg_label_comp_id       GLY 
_struct_conf.beg_label_asym_id       A 
_struct_conf.beg_label_seq_id        4 
_struct_conf.pdbx_beg_PDB_ins_code   ? 
_struct_conf.end_label_comp_id       ALA 
_struct_conf.end_label_asym_id       A 
_struct_conf.end_label_seq_id        45 
_struct_conf.pdbx_end_PDB_ins_code   ? 
_struct_conf.beg_auth_comp_id        GLY 
_struct_conf.beg_auth_asym_id        A 
_struct_conf.beg_auth_seq_id         4 
_struct_conf.end_auth_comp_id        ALA 
_struct_conf.end_auth_asym_id        A 
_struct_conf.end_auth_seq_id         45 
_struct_conf.pdbx_PDB_helix_class    1 
_struct_conf.details                 ? 
_struct_conf.pdbx_PDB_helix_length   42 
# 
_struct_conf_type.id          HELX_P 
_struct_conf_type.criteria    ? 
_struct_conf_type.reference   ? 
# 
_pdbx_validate_torsion.id              1 
_pdbx_validate_torsion.PDB_model_num   1 
_pdbx_validate_torsion.auth_comp_id    ALA 
_pdbx_validate_torsion.auth_asym_id    A 
_pdbx_validate_torsion.auth_seq_id     45 
_pdbx_validate_torsion.PDB_ins_code    ? 
_pdbx_validate_torsion.label_alt_id    ? 
_pdbx_validate_torsion.phi             -88.14 
_pdbx_validate_torsion.psi             31.25 
# 
_pdbx_helical_symmetry.entry_id                  2IFO 
_pdbx_helical_symmetry.number_of_operations      35 
_pdbx_helical_symmetry.rotation_per_n_subunits   65.915000 
_pdbx_helical_symmetry.rise_per_n_subunits       3.050000 
_pdbx_helical_symmetry.n_subunits_divisor        1 
_pdbx_helical_symmetry.dyad_axis                 no 
_pdbx_helical_symmetry.circular_symmetry         1 
# 
_pdbx_entry_details.entry_id                 2IFO 
_pdbx_entry_details.compound_details         ? 
_pdbx_entry_details.source_details           ? 
_pdbx_entry_details.nonpolymer_details       ? 
_pdbx_entry_details.sequence_details         
;THE SEQUENCE USED IS AN UNPUBLISHED SEQUENCE CITED BY
DAY ET AL., ANN. REV. BIOPHYS. BIOPHYS. CHEM. V. 17, 509,
1988.
;
_pdbx_entry_details.has_ligand_of_interest   ? 
# 
loop_
_chem_comp_atom.comp_id 
_chem_comp_atom.atom_id 
_chem_comp_atom.type_symbol 
_chem_comp_atom.pdbx_aromatic_flag 
_chem_comp_atom.pdbx_stereo_config 
_chem_comp_atom.pdbx_ordinal 
ALA N    N N N 1   
ALA CA   C N S 2   
ALA C    C N N 3   
ALA O    O N N 4   
ALA CB   C N N 5   
ALA OXT  O N N 6   
ALA H    H N N 7   
ALA H2   H N N 8   
ALA HA   H N N 9   
ALA HB1  H N N 10  
ALA HB2  H N N 11  
ALA HB3  H N N 12  
ALA HXT  H N N 13  
ARG N    N N N 14  
ARG CA   C N S 15  
ARG C    C N N 16  
ARG O    O N N 17  
ARG CB   C N N 18  
ARG CG   C N N 19  
ARG CD   C N N 20  
ARG NE   N N N 21  
ARG CZ   C N N 22  
ARG NH1  N N N 23  
ARG NH2  N N N 24  
ARG OXT  O N N 25  
ARG H    H N N 26  
ARG H2   H N N 27  
ARG HA   H N N 28  
ARG HB2  H N N 29  
ARG HB3  H N N 30  
ARG HG2  H N N 31  
ARG HG3  H N N 32  
ARG HD2  H N N 33  
ARG HD3  H N N 34  
ARG HE   H N N 35  
ARG HH11 H N N 36  
ARG HH12 H N N 37  
ARG HH21 H N N 38  
ARG HH22 H N N 39  
ARG HXT  H N N 40  
ASP N    N N N 41  
ASP CA   C N S 42  
ASP C    C N N 43  
ASP O    O N N 44  
ASP CB   C N N 45  
ASP CG   C N N 46  
ASP OD1  O N N 47  
ASP OD2  O N N 48  
ASP OXT  O N N 49  
ASP H    H N N 50  
ASP H2   H N N 51  
ASP HA   H N N 52  
ASP HB2  H N N 53  
ASP HB3  H N N 54  
ASP HD2  H N N 55  
ASP HXT  H N N 56  
GLN N    N N N 57  
GLN CA   C N S 58  
GLN C    C N N 59  
GLN O    O N N 60  
GLN CB   C N N 61  
GLN CG   C N N 62  
GLN CD   C N N 63  
GLN OE1  O N N 64  
GLN NE2  N N N 65  
GLN OXT  O N N 66  
GLN H    H N N 67  
GLN H2   H N N 68  
GLN HA   H N N 69  
GLN HB2  H N N 70  
GLN HB3  H N N 71  
GLN HG2  H N N 72  
GLN HG3  H N N 73  
GLN HE21 H N N 74  
GLN HE22 H N N 75  
GLN HXT  H N N 76  
GLU N    N N N 77  
GLU CA   C N S 78  
GLU C    C N N 79  
GLU O    O N N 80  
GLU CB   C N N 81  
GLU CG   C N N 82  
GLU CD   C N N 83  
GLU OE1  O N N 84  
GLU OE2  O N N 85  
GLU OXT  O N N 86  
GLU H    H N N 87  
GLU H2   H N N 88  
GLU HA   H N N 89  
GLU HB2  H N N 90  
GLU HB3  H N N 91  
GLU HG2  H N N 92  
GLU HG3  H N N 93  
GLU HE2  H N N 94  
GLU HXT  H N N 95  
GLY N    N N N 96  
GLY CA   C N N 97  
GLY C    C N N 98  
GLY O    O N N 99  
GLY OXT  O N N 100 
GLY H    H N N 101 
GLY H2   H N N 102 
GLY HA2  H N N 103 
GLY HA3  H N N 104 
GLY HXT  H N N 105 
ILE N    N N N 106 
ILE CA   C N S 107 
ILE C    C N N 108 
ILE O    O N N 109 
ILE CB   C N S 110 
ILE CG1  C N N 111 
ILE CG2  C N N 112 
ILE CD1  C N N 113 
ILE OXT  O N N 114 
ILE H    H N N 115 
ILE H2   H N N 116 
ILE HA   H N N 117 
ILE HB   H N N 118 
ILE HG12 H N N 119 
ILE HG13 H N N 120 
ILE HG21 H N N 121 
ILE HG22 H N N 122 
ILE HG23 H N N 123 
ILE HD11 H N N 124 
ILE HD12 H N N 125 
ILE HD13 H N N 126 
ILE HXT  H N N 127 
LEU N    N N N 128 
LEU CA   C N S 129 
LEU C    C N N 130 
LEU O    O N N 131 
LEU CB   C N N 132 
LEU CG   C N N 133 
LEU CD1  C N N 134 
LEU CD2  C N N 135 
LEU OXT  O N N 136 
LEU H    H N N 137 
LEU H2   H N N 138 
LEU HA   H N N 139 
LEU HB2  H N N 140 
LEU HB3  H N N 141 
LEU HG   H N N 142 
LEU HD11 H N N 143 
LEU HD12 H N N 144 
LEU HD13 H N N 145 
LEU HD21 H N N 146 
LEU HD22 H N N 147 
LEU HD23 H N N 148 
LEU HXT  H N N 149 
LYS N    N N N 150 
LYS CA   C N S 151 
LYS C    C N N 152 
LYS O    O N N 153 
LYS CB   C N N 154 
LYS CG   C N N 155 
LYS CD   C N N 156 
LYS CE   C N N 157 
LYS NZ   N N N 158 
LYS OXT  O N N 159 
LYS H    H N N 160 
LYS H2   H N N 161 
LYS HA   H N N 162 
LYS HB2  H N N 163 
LYS HB3  H N N 164 
LYS HG2  H N N 165 
LYS HG3  H N N 166 
LYS HD2  H N N 167 
LYS HD3  H N N 168 
LYS HE2  H N N 169 
LYS HE3  H N N 170 
LYS HZ1  H N N 171 
LYS HZ2  H N N 172 
LYS HZ3  H N N 173 
LYS HXT  H N N 174 
MET N    N N N 175 
MET CA   C N S 176 
MET C    C N N 177 
MET O    O N N 178 
MET CB   C N N 179 
MET CG   C N N 180 
MET SD   S N N 181 
MET CE   C N N 182 
MET OXT  O N N 183 
MET H    H N N 184 
MET H2   H N N 185 
MET HA   H N N 186 
MET HB2  H N N 187 
MET HB3  H N N 188 
MET HG2  H N N 189 
MET HG3  H N N 190 
MET HE1  H N N 191 
MET HE2  H N N 192 
MET HE3  H N N 193 
MET HXT  H N N 194 
PRO N    N N N 195 
PRO CA   C N S 196 
PRO C    C N N 197 
PRO O    O N N 198 
PRO CB   C N N 199 
PRO CG   C N N 200 
PRO CD   C N N 201 
PRO OXT  O N N 202 
PRO H    H N N 203 
PRO HA   H N N 204 
PRO HB2  H N N 205 
PRO HB3  H N N 206 
PRO HG2  H N N 207 
PRO HG3  H N N 208 
PRO HD2  H N N 209 
PRO HD3  H N N 210 
PRO HXT  H N N 211 
SER N    N N N 212 
SER CA   C N S 213 
SER C    C N N 214 
SER O    O N N 215 
SER CB   C N N 216 
SER OG   O N N 217 
SER OXT  O N N 218 
SER H    H N N 219 
SER H2   H N N 220 
SER HA   H N N 221 
SER HB2  H N N 222 
SER HB3  H N N 223 
SER HG   H N N 224 
SER HXT  H N N 225 
THR N    N N N 226 
THR CA   C N S 227 
THR C    C N N 228 
THR O    O N N 229 
THR CB   C N R 230 
THR OG1  O N N 231 
THR CG2  C N N 232 
THR OXT  O N N 233 
THR H    H N N 234 
THR H2   H N N 235 
THR HA   H N N 236 
THR HB   H N N 237 
THR HG1  H N N 238 
THR HG21 H N N 239 
THR HG22 H N N 240 
THR HG23 H N N 241 
THR HXT  H N N 242 
TRP N    N N N 243 
TRP CA   C N S 244 
TRP C    C N N 245 
TRP O    O N N 246 
TRP CB   C N N 247 
TRP CG   C Y N 248 
TRP CD1  C Y N 249 
TRP CD2  C Y N 250 
TRP NE1  N Y N 251 
TRP CE2  C Y N 252 
TRP CE3  C Y N 253 
TRP CZ2  C Y N 254 
TRP CZ3  C Y N 255 
TRP CH2  C Y N 256 
TRP OXT  O N N 257 
TRP H    H N N 258 
TRP H2   H N N 259 
TRP HA   H N N 260 
TRP HB2  H N N 261 
TRP HB3  H N N 262 
TRP HD1  H N N 263 
TRP HE1  H N N 264 
TRP HE3  H N N 265 
TRP HZ2  H N N 266 
TRP HZ3  H N N 267 
TRP HH2  H N N 268 
TRP HXT  H N N 269 
TYR N    N N N 270 
TYR CA   C N S 271 
TYR C    C N N 272 
TYR O    O N N 273 
TYR CB   C N N 274 
TYR CG   C Y N 275 
TYR CD1  C Y N 276 
TYR CD2  C Y N 277 
TYR CE1  C Y N 278 
TYR CE2  C Y N 279 
TYR CZ   C Y N 280 
TYR OH   O N N 281 
TYR OXT  O N N 282 
TYR H    H N N 283 
TYR H2   H N N 284 
TYR HA   H N N 285 
TYR HB2  H N N 286 
TYR HB3  H N N 287 
TYR HD1  H N N 288 
TYR HD2  H N N 289 
TYR HE1  H N N 290 
TYR HE2  H N N 291 
TYR HH   H N N 292 
TYR HXT  H N N 293 
VAL N    N N N 294 
VAL CA   C N S 295 
VAL C    C N N 296 
VAL O    O N N 297 
VAL CB   C N N 298 
VAL CG1  C N N 299 
VAL CG2  C N N 300 
VAL OXT  O N N 301 
VAL H    H N N 302 
VAL H2   H N N 303 
VAL HA   H N N 304 
VAL HB   H N N 305 
VAL HG11 H N N 306 
VAL HG12 H N N 307 
VAL HG13 H N N 308 
VAL HG21 H N N 309 
VAL HG22 H N N 310 
VAL HG23 H N N 311 
VAL HXT  H N N 312 
# 
loop_
_chem_comp_bond.comp_id 
_chem_comp_bond.atom_id_1 
_chem_comp_bond.atom_id_2 
_chem_comp_bond.value_order 
_chem_comp_bond.pdbx_aromatic_flag 
_chem_comp_bond.pdbx_stereo_config 
_chem_comp_bond.pdbx_ordinal 
ALA N   CA   sing N N 1   
ALA N   H    sing N N 2   
ALA N   H2   sing N N 3   
ALA CA  C    sing N N 4   
ALA CA  CB   sing N N 5   
ALA CA  HA   sing N N 6   
ALA C   O    doub N N 7   
ALA C   OXT  sing N N 8   
ALA CB  HB1  sing N N 9   
ALA CB  HB2  sing N N 10  
ALA CB  HB3  sing N N 11  
ALA OXT HXT  sing N N 12  
ARG N   CA   sing N N 13  
ARG N   H    sing N N 14  
ARG N   H2   sing N N 15  
ARG CA  C    sing N N 16  
ARG CA  CB   sing N N 17  
ARG CA  HA   sing N N 18  
ARG C   O    doub N N 19  
ARG C   OXT  sing N N 20  
ARG CB  CG   sing N N 21  
ARG CB  HB2  sing N N 22  
ARG CB  HB3  sing N N 23  
ARG CG  CD   sing N N 24  
ARG CG  HG2  sing N N 25  
ARG CG  HG3  sing N N 26  
ARG CD  NE   sing N N 27  
ARG CD  HD2  sing N N 28  
ARG CD  HD3  sing N N 29  
ARG NE  CZ   sing N N 30  
ARG NE  HE   sing N N 31  
ARG CZ  NH1  sing N N 32  
ARG CZ  NH2  doub N N 33  
ARG NH1 HH11 sing N N 34  
ARG NH1 HH12 sing N N 35  
ARG NH2 HH21 sing N N 36  
ARG NH2 HH22 sing N N 37  
ARG OXT HXT  sing N N 38  
ASP N   CA   sing N N 39  
ASP N   H    sing N N 40  
ASP N   H2   sing N N 41  
ASP CA  C    sing N N 42  
ASP CA  CB   sing N N 43  
ASP CA  HA   sing N N 44  
ASP C   O    doub N N 45  
ASP C   OXT  sing N N 46  
ASP CB  CG   sing N N 47  
ASP CB  HB2  sing N N 48  
ASP CB  HB3  sing N N 49  
ASP CG  OD1  doub N N 50  
ASP CG  OD2  sing N N 51  
ASP OD2 HD2  sing N N 52  
ASP OXT HXT  sing N N 53  
GLN N   CA   sing N N 54  
GLN N   H    sing N N 55  
GLN N   H2   sing N N 56  
GLN CA  C    sing N N 57  
GLN CA  CB   sing N N 58  
GLN CA  HA   sing N N 59  
GLN C   O    doub N N 60  
GLN C   OXT  sing N N 61  
GLN CB  CG   sing N N 62  
GLN CB  HB2  sing N N 63  
GLN CB  HB3  sing N N 64  
GLN CG  CD   sing N N 65  
GLN CG  HG2  sing N N 66  
GLN CG  HG3  sing N N 67  
GLN CD  OE1  doub N N 68  
GLN CD  NE2  sing N N 69  
GLN NE2 HE21 sing N N 70  
GLN NE2 HE22 sing N N 71  
GLN OXT HXT  sing N N 72  
GLU N   CA   sing N N 73  
GLU N   H    sing N N 74  
GLU N   H2   sing N N 75  
GLU CA  C    sing N N 76  
GLU CA  CB   sing N N 77  
GLU CA  HA   sing N N 78  
GLU C   O    doub N N 79  
GLU C   OXT  sing N N 80  
GLU CB  CG   sing N N 81  
GLU CB  HB2  sing N N 82  
GLU CB  HB3  sing N N 83  
GLU CG  CD   sing N N 84  
GLU CG  HG2  sing N N 85  
GLU CG  HG3  sing N N 86  
GLU CD  OE1  doub N N 87  
GLU CD  OE2  sing N N 88  
GLU OE2 HE2  sing N N 89  
GLU OXT HXT  sing N N 90  
GLY N   CA   sing N N 91  
GLY N   H    sing N N 92  
GLY N   H2   sing N N 93  
GLY CA  C    sing N N 94  
GLY CA  HA2  sing N N 95  
GLY CA  HA3  sing N N 96  
GLY C   O    doub N N 97  
GLY C   OXT  sing N N 98  
GLY OXT HXT  sing N N 99  
ILE N   CA   sing N N 100 
ILE N   H    sing N N 101 
ILE N   H2   sing N N 102 
ILE CA  C    sing N N 103 
ILE CA  CB   sing N N 104 
ILE CA  HA   sing N N 105 
ILE C   O    doub N N 106 
ILE C   OXT  sing N N 107 
ILE CB  CG1  sing N N 108 
ILE CB  CG2  sing N N 109 
ILE CB  HB   sing N N 110 
ILE CG1 CD1  sing N N 111 
ILE CG1 HG12 sing N N 112 
ILE CG1 HG13 sing N N 113 
ILE CG2 HG21 sing N N 114 
ILE CG2 HG22 sing N N 115 
ILE CG2 HG23 sing N N 116 
ILE CD1 HD11 sing N N 117 
ILE CD1 HD12 sing N N 118 
ILE CD1 HD13 sing N N 119 
ILE OXT HXT  sing N N 120 
LEU N   CA   sing N N 121 
LEU N   H    sing N N 122 
LEU N   H2   sing N N 123 
LEU CA  C    sing N N 124 
LEU CA  CB   sing N N 125 
LEU CA  HA   sing N N 126 
LEU C   O    doub N N 127 
LEU C   OXT  sing N N 128 
LEU CB  CG   sing N N 129 
LEU CB  HB2  sing N N 130 
LEU CB  HB3  sing N N 131 
LEU CG  CD1  sing N N 132 
LEU CG  CD2  sing N N 133 
LEU CG  HG   sing N N 134 
LEU CD1 HD11 sing N N 135 
LEU CD1 HD12 sing N N 136 
LEU CD1 HD13 sing N N 137 
LEU CD2 HD21 sing N N 138 
LEU CD2 HD22 sing N N 139 
LEU CD2 HD23 sing N N 140 
LEU OXT HXT  sing N N 141 
LYS N   CA   sing N N 142 
LYS N   H    sing N N 143 
LYS N   H2   sing N N 144 
LYS CA  C    sing N N 145 
LYS CA  CB   sing N N 146 
LYS CA  HA   sing N N 147 
LYS C   O    doub N N 148 
LYS C   OXT  sing N N 149 
LYS CB  CG   sing N N 150 
LYS CB  HB2  sing N N 151 
LYS CB  HB3  sing N N 152 
LYS CG  CD   sing N N 153 
LYS CG  HG2  sing N N 154 
LYS CG  HG3  sing N N 155 
LYS CD  CE   sing N N 156 
LYS CD  HD2  sing N N 157 
LYS CD  HD3  sing N N 158 
LYS CE  NZ   sing N N 159 
LYS CE  HE2  sing N N 160 
LYS CE  HE3  sing N N 161 
LYS NZ  HZ1  sing N N 162 
LYS NZ  HZ2  sing N N 163 
LYS NZ  HZ3  sing N N 164 
LYS OXT HXT  sing N N 165 
MET N   CA   sing N N 166 
MET N   H    sing N N 167 
MET N   H2   sing N N 168 
MET CA  C    sing N N 169 
MET CA  CB   sing N N 170 
MET CA  HA   sing N N 171 
MET C   O    doub N N 172 
MET C   OXT  sing N N 173 
MET CB  CG   sing N N 174 
MET CB  HB2  sing N N 175 
MET CB  HB3  sing N N 176 
MET CG  SD   sing N N 177 
MET CG  HG2  sing N N 178 
MET CG  HG3  sing N N 179 
MET SD  CE   sing N N 180 
MET CE  HE1  sing N N 181 
MET CE  HE2  sing N N 182 
MET CE  HE3  sing N N 183 
MET OXT HXT  sing N N 184 
PRO N   CA   sing N N 185 
PRO N   CD   sing N N 186 
PRO N   H    sing N N 187 
PRO CA  C    sing N N 188 
PRO CA  CB   sing N N 189 
PRO CA  HA   sing N N 190 
PRO C   O    doub N N 191 
PRO C   OXT  sing N N 192 
PRO CB  CG   sing N N 193 
PRO CB  HB2  sing N N 194 
PRO CB  HB3  sing N N 195 
PRO CG  CD   sing N N 196 
PRO CG  HG2  sing N N 197 
PRO CG  HG3  sing N N 198 
PRO CD  HD2  sing N N 199 
PRO CD  HD3  sing N N 200 
PRO OXT HXT  sing N N 201 
SER N   CA   sing N N 202 
SER N   H    sing N N 203 
SER N   H2   sing N N 204 
SER CA  C    sing N N 205 
SER CA  CB   sing N N 206 
SER CA  HA   sing N N 207 
SER C   O    doub N N 208 
SER C   OXT  sing N N 209 
SER CB  OG   sing N N 210 
SER CB  HB2  sing N N 211 
SER CB  HB3  sing N N 212 
SER OG  HG   sing N N 213 
SER OXT HXT  sing N N 214 
THR N   CA   sing N N 215 
THR N   H    sing N N 216 
THR N   H2   sing N N 217 
THR CA  C    sing N N 218 
THR CA  CB   sing N N 219 
THR CA  HA   sing N N 220 
THR C   O    doub N N 221 
THR C   OXT  sing N N 222 
THR CB  OG1  sing N N 223 
THR CB  CG2  sing N N 224 
THR CB  HB   sing N N 225 
THR OG1 HG1  sing N N 226 
THR CG2 HG21 sing N N 227 
THR CG2 HG22 sing N N 228 
THR CG2 HG23 sing N N 229 
THR OXT HXT  sing N N 230 
TRP N   CA   sing N N 231 
TRP N   H    sing N N 232 
TRP N   H2   sing N N 233 
TRP CA  C    sing N N 234 
TRP CA  CB   sing N N 235 
TRP CA  HA   sing N N 236 
TRP C   O    doub N N 237 
TRP C   OXT  sing N N 238 
TRP CB  CG   sing N N 239 
TRP CB  HB2  sing N N 240 
TRP CB  HB3  sing N N 241 
TRP CG  CD1  doub Y N 242 
TRP CG  CD2  sing Y N 243 
TRP CD1 NE1  sing Y N 244 
TRP CD1 HD1  sing N N 245 
TRP CD2 CE2  doub Y N 246 
TRP CD2 CE3  sing Y N 247 
TRP NE1 CE2  sing Y N 248 
TRP NE1 HE1  sing N N 249 
TRP CE2 CZ2  sing Y N 250 
TRP CE3 CZ3  doub Y N 251 
TRP CE3 HE3  sing N N 252 
TRP CZ2 CH2  doub Y N 253 
TRP CZ2 HZ2  sing N N 254 
TRP CZ3 CH2  sing Y N 255 
TRP CZ3 HZ3  sing N N 256 
TRP CH2 HH2  sing N N 257 
TRP OXT HXT  sing N N 258 
TYR N   CA   sing N N 259 
TYR N   H    sing N N 260 
TYR N   H2   sing N N 261 
TYR CA  C    sing N N 262 
TYR CA  CB   sing N N 263 
TYR CA  HA   sing N N 264 
TYR C   O    doub N N 265 
TYR C   OXT  sing N N 266 
TYR CB  CG   sing N N 267 
TYR CB  HB2  sing N N 268 
TYR CB  HB3  sing N N 269 
TYR CG  CD1  doub Y N 270 
TYR CG  CD2  sing Y N 271 
TYR CD1 CE1  sing Y N 272 
TYR CD1 HD1  sing N N 273 
TYR CD2 CE2  doub Y N 274 
TYR CD2 HD2  sing N N 275 
TYR CE1 CZ   doub Y N 276 
TYR CE1 HE1  sing N N 277 
TYR CE2 CZ   sing Y N 278 
TYR CE2 HE2  sing N N 279 
TYR CZ  OH   sing N N 280 
TYR OH  HH   sing N N 281 
TYR OXT HXT  sing N N 282 
VAL N   CA   sing N N 283 
VAL N   H    sing N N 284 
VAL N   H2   sing N N 285 
VAL CA  C    sing N N 286 
VAL CA  CB   sing N N 287 
VAL CA  HA   sing N N 288 
VAL C   O    doub N N 289 
VAL C   OXT  sing N N 290 
VAL CB  CG1  sing N N 291 
VAL CB  CG2  sing N N 292 
VAL CB  HB   sing N N 293 
VAL CG1 HG11 sing N N 294 
VAL CG1 HG12 sing N N 295 
VAL CG1 HG13 sing N N 296 
VAL CG2 HG21 sing N N 297 
VAL CG2 HG22 sing N N 298 
VAL CG2 HG23 sing N N 299 
VAL OXT HXT  sing N N 300 
# 
_atom_sites.entry_id                    2IFO 
_atom_sites.fract_transf_matrix[1][1]   1.000000 
_atom_sites.fract_transf_matrix[1][2]   0.000000 
_atom_sites.fract_transf_matrix[1][3]   0.000000 
_atom_sites.fract_transf_matrix[2][1]   0.000000 
_atom_sites.fract_transf_matrix[2][2]   1.000000 
_atom_sites.fract_transf_matrix[2][3]   0.000000 
_atom_sites.fract_transf_matrix[3][1]   0.000000 
_atom_sites.fract_transf_matrix[3][2]   0.000000 
_atom_sites.fract_transf_matrix[3][3]   1.000000 
_atom_sites.fract_transf_vector[1]      0.00000 
_atom_sites.fract_transf_vector[2]      0.00000 
_atom_sites.fract_transf_vector[3]      0.00000 
# 
loop_
_atom_type.symbol 
C 
N 
O 
S 
# 
loop_
_atom_site.group_PDB 
_atom_site.id 
_atom_site.type_symbol 
_atom_site.label_atom_id 
_atom_site.label_alt_id 
_atom_site.label_comp_id 
_atom_site.label_asym_id 
_atom_site.label_entity_id 
_atom_site.label_seq_id 
_atom_site.pdbx_PDB_ins_code 
_atom_site.Cartn_x 
_atom_site.Cartn_y 
_atom_site.Cartn_z 
_atom_site.occupancy 
_atom_site.B_iso_or_equiv 
_atom_site.pdbx_formal_charge 
_atom_site.auth_seq_id 
_atom_site.auth_comp_id 
_atom_site.auth_asym_id 
_atom_site.auth_atom_id 
_atom_site.pdbx_PDB_model_num 
ATOM 1   N N   . SER A 1 1  ? -1.481 24.940  -21.451 1.00 10.00 ? 1  SER A N   1 
ATOM 2   C CA  . SER A 1 1  ? -0.102 24.880  -20.899 1.00 10.00 ? 1  SER A CA  1 
ATOM 3   C C   . SER A 1 1  ? -0.104 24.920  -19.372 1.00 10.00 ? 1  SER A C   1 
ATOM 4   O O   . SER A 1 1  ? 0.088  23.889  -18.731 1.00 10.00 ? 1  SER A O   1 
ATOM 5   C CB  . SER A 1 1  ? 0.749  26.013  -21.483 1.00 10.00 ? 1  SER A CB  1 
ATOM 6   O OG  . SER A 1 1  ? 0.926  25.835  -22.880 1.00 10.00 ? 1  SER A OG  1 
ATOM 7   N N   . GLY A 1 2  ? -0.391 26.086  -18.798 1.00 10.00 ? 2  GLY A N   1 
ATOM 8   C CA  . GLY A 1 2  ? -0.410 26.219  -17.349 1.00 10.00 ? 2  GLY A CA  1 
ATOM 9   C C   . GLY A 1 2  ? -1.389 25.300  -16.637 1.00 10.00 ? 2  GLY A C   1 
ATOM 10  O O   . GLY A 1 2  ? -0.994 24.284  -16.064 1.00 10.00 ? 2  GLY A O   1 
ATOM 11  N N   . GLY A 1 3  ? -2.671 25.646  -16.701 1.00 10.00 ? 3  GLY A N   1 
ATOM 12  C CA  . GLY A 1 3  ? -3.699 24.852  -16.052 1.00 10.00 ? 3  GLY A CA  1 
ATOM 13  C C   . GLY A 1 3  ? -3.730 23.399  -16.485 1.00 10.00 ? 3  GLY A C   1 
ATOM 14  O O   . GLY A 1 3  ? -3.697 22.499  -15.652 1.00 10.00 ? 3  GLY A O   1 
ATOM 15  N N   . GLY A 1 4  ? -3.793 23.171  -17.792 1.00 10.00 ? 4  GLY A N   1 
ATOM 16  C CA  . GLY A 1 4  ? -3.830 21.813  -18.303 1.00 10.00 ? 4  GLY A CA  1 
ATOM 17  C C   . GLY A 1 4  ? -2.589 20.986  -18.007 1.00 10.00 ? 4  GLY A C   1 
ATOM 18  O O   . GLY A 1 4  ? -2.603 20.128  -17.130 1.00 10.00 ? 4  GLY A O   1 
ATOM 19  N N   . GLY A 1 5  ? -1.501 21.283  -18.709 1.00 10.00 ? 5  GLY A N   1 
ATOM 20  C CA  . GLY A 1 5  ? -0.263 20.540  -18.537 1.00 10.00 ? 5  GLY A CA  1 
ATOM 21  C C   . GLY A 1 5  ? 0.362  20.515  -17.155 1.00 10.00 ? 5  GLY A C   1 
ATOM 22  O O   . GLY A 1 5  ? 0.571  19.447  -16.578 1.00 10.00 ? 5  GLY A O   1 
ATOM 23  N N   . VAL A 1 6  ? 0.657  21.691  -16.616 1.00 10.00 ? 6  VAL A N   1 
ATOM 24  C CA  . VAL A 1 6  ? 1.292  21.796  -15.308 1.00 10.00 ? 6  VAL A CA  1 
ATOM 25  C C   . VAL A 1 6  ? 0.446  21.254  -14.154 1.00 10.00 ? 6  VAL A C   1 
ATOM 26  O O   . VAL A 1 6  ? 0.886  20.353  -13.429 1.00 10.00 ? 6  VAL A O   1 
ATOM 27  C CB  . VAL A 1 6  ? 1.721  23.247  -15.008 1.00 10.00 ? 6  VAL A CB  1 
ATOM 28  C CG1 . VAL A 1 6  ? 2.427  23.330  -13.663 1.00 10.00 ? 6  VAL A CG1 1 
ATOM 29  C CG2 . VAL A 1 6  ? 2.633  23.757  -16.115 1.00 10.00 ? 6  VAL A CG2 1 
ATOM 30  N N   . ASP A 1 7  ? -0.778 21.755  -14.007 1.00 10.00 ? 7  ASP A N   1 
ATOM 31  C CA  . ASP A 1 7  ? -1.649 21.309  -12.918 1.00 10.00 ? 7  ASP A CA  1 
ATOM 32  C C   . ASP A 1 7  ? -1.938 19.816  -12.976 1.00 10.00 ? 7  ASP A C   1 
ATOM 33  O O   . ASP A 1 7  ? -1.884 19.135  -11.951 1.00 10.00 ? 7  ASP A O   1 
ATOM 34  C CB  . ASP A 1 7  ? -2.951 22.112  -12.877 1.00 10.00 ? 7  ASP A CB  1 
ATOM 35  C CG  . ASP A 1 7  ? -2.783 23.479  -12.231 1.00 10.00 ? 7  ASP A CG  1 
ATOM 36  O OD1 . ASP A 1 7  ? -2.959 23.585  -10.999 1.00 10.00 ? 7  ASP A OD1 1 
ATOM 37  O OD2 . ASP A 1 7  ? -2.490 24.452  -12.956 1.00 10.00 ? 7  ASP A OD2 1 
ATOM 38  N N   . VAL A 1 8  ? -2.227 19.300  -14.168 1.00 10.00 ? 8  VAL A N   1 
ATOM 39  C CA  . VAL A 1 8  ? -2.496 17.867  -14.322 1.00 10.00 ? 8  VAL A CA  1 
ATOM 40  C C   . VAL A 1 8  ? -1.240 17.075  -13.969 1.00 10.00 ? 8  VAL A C   1 
ATOM 41  O O   . VAL A 1 8  ? -1.312 15.999  -13.365 1.00 10.00 ? 8  VAL A O   1 
ATOM 42  C CB  . VAL A 1 8  ? -2.986 17.529  -15.745 1.00 10.00 ? 8  VAL A CB  1 
ATOM 43  C CG1 . VAL A 1 8  ? -2.941 16.026  -15.995 1.00 10.00 ? 8  VAL A CG1 1 
ATOM 44  C CG2 . VAL A 1 8  ? -4.407 18.033  -15.914 1.00 10.00 ? 8  VAL A CG2 1 
ATOM 45  N N   . GLY A 1 9  ? -0.084 17.659  -14.274 1.00 10.00 ? 9  GLY A N   1 
ATOM 46  C CA  . GLY A 1 9  ? 1.173  17.011  -13.958 1.00 10.00 ? 9  GLY A CA  1 
ATOM 47  C C   . GLY A 1 9  ? 1.246  16.824  -12.457 1.00 10.00 ? 9  GLY A C   1 
ATOM 48  O O   . GLY A 1 9  ? 1.615  15.751  -11.966 1.00 10.00 ? 9  GLY A O   1 
ATOM 49  N N   . ASP A 1 10 ? 0.824  17.860  -11.734 1.00 10.00 ? 10 ASP A N   1 
ATOM 50  C CA  . ASP A 1 10 ? 0.801  17.846  -10.275 1.00 10.00 ? 10 ASP A CA  1 
ATOM 51  C C   . ASP A 1 10 ? -0.146 16.750  -9.798  1.00 10.00 ? 10 ASP A C   1 
ATOM 52  O O   . ASP A 1 10 ? 0.115  16.088  -8.793  1.00 10.00 ? 10 ASP A O   1 
ATOM 53  C CB  . ASP A 1 10 ? 0.339  19.203  -9.725  1.00 10.00 ? 10 ASP A CB  1 
ATOM 54  C CG  . ASP A 1 10 ? 1.441  20.260  -9.729  1.00 10.00 ? 10 ASP A CG  1 
ATOM 55  O OD1 . ASP A 1 10 ? 2.297  20.228  -8.819  1.00 10.00 ? 10 ASP A OD1 1 
ATOM 56  O OD2 . ASP A 1 10 ? 1.432  21.135  -10.619 1.00 10.00 ? 10 ASP A OD2 1 
ATOM 57  N N   . VAL A 1 11 ? -1.235 16.550  -10.537 1.00 10.00 ? 11 VAL A N   1 
ATOM 58  C CA  . VAL A 1 11 ? -2.226 15.534  -10.189 1.00 10.00 ? 11 VAL A CA  1 
ATOM 59  C C   . VAL A 1 11 ? -1.552 14.169  -10.158 1.00 10.00 ? 11 VAL A C   1 
ATOM 60  O O   . VAL A 1 11 ? -1.679 13.421  -9.192  1.00 10.00 ? 11 VAL A O   1 
ATOM 61  C CB  . VAL A 1 11 ? -3.381 15.479  -11.219 1.00 10.00 ? 11 VAL A CB  1 
ATOM 62  C CG1 . VAL A 1 11 ? -4.440 14.502  -10.766 1.00 10.00 ? 11 VAL A CG1 1 
ATOM 63  C CG2 . VAL A 1 11 ? -3.986 16.848  -11.422 1.00 10.00 ? 11 VAL A CG2 1 
ATOM 64  N N   . VAL A 1 12 ? -0.774 13.888  -11.195 1.00 10.00 ? 12 VAL A N   1 
ATOM 65  C CA  . VAL A 1 12 ? -0.080 12.617  -11.306 1.00 10.00 ? 12 VAL A CA  1 
ATOM 66  C C   . VAL A 1 12 ? 0.869  12.389  -10.133 1.00 10.00 ? 12 VAL A C   1 
ATOM 67  O O   . VAL A 1 12 ? 0.642  11.496  -9.317  1.00 10.00 ? 12 VAL A O   1 
ATOM 68  C CB  . VAL A 1 12 ? 0.708  12.542  -12.628 1.00 10.00 ? 12 VAL A CB  1 
ATOM 69  C CG1 . VAL A 1 12 ? 1.448  11.218  -12.735 1.00 10.00 ? 12 VAL A CG1 1 
ATOM 70  C CG2 . VAL A 1 12 ? -0.240 12.724  -13.806 1.00 10.00 ? 12 VAL A CG2 1 
ATOM 71  N N   . SER A 1 13 ? 1.838  13.283  -9.969  1.00 10.00 ? 13 SER A N   1 
ATOM 72  C CA  . SER A 1 13 ? 2.817  13.144  -8.897  1.00 10.00 ? 13 SER A CA  1 
ATOM 73  C C   . SER A 1 13 ? 2.222  13.145  -7.493  1.00 10.00 ? 13 SER A C   1 
ATOM 74  O O   . SER A 1 13 ? 2.622  12.347  -6.647  1.00 10.00 ? 13 SER A O   1 
ATOM 75  C CB  . SER A 1 13 ? 3.885  14.234  -9.010  1.00 10.00 ? 13 SER A CB  1 
ATOM 76  O OG  . SER A 1 13 ? 4.642  14.078  -10.197 1.00 10.00 ? 13 SER A OG  1 
ATOM 77  N N   . ALA A 1 14 ? 1.253  14.020  -7.257  1.00 10.00 ? 14 ALA A N   1 
ATOM 78  C CA  . ALA A 1 14 ? 0.630  14.121  -5.942  1.00 10.00 ? 14 ALA A CA  1 
ATOM 79  C C   . ALA A 1 14 ? -0.269 12.938  -5.602  1.00 10.00 ? 14 ALA A C   1 
ATOM 80  O O   . ALA A 1 14 ? -0.220 12.411  -4.492  1.00 10.00 ? 14 ALA A O   1 
ATOM 81  C CB  . ALA A 1 14 ? -0.152 15.420  -5.829  1.00 10.00 ? 14 ALA A CB  1 
ATOM 82  N N   . ILE A 1 15 ? -1.071 12.512  -6.571  1.00 10.00 ? 15 ILE A N   1 
ATOM 83  C CA  . ILE A 1 15 ? -1.997 11.411  -6.367  1.00 10.00 ? 15 ILE A CA  1 
ATOM 84  C C   . ILE A 1 15 ? -1.333 10.040  -6.226  1.00 10.00 ? 15 ILE A C   1 
ATOM 85  O O   . ILE A 1 15 ? -1.492 9.380   -5.193  1.00 10.00 ? 15 ILE A O   1 
ATOM 86  C CB  . ILE A 1 15 ? -3.107 11.402  -7.457  1.00 10.00 ? 15 ILE A CB  1 
ATOM 87  C CG1 . ILE A 1 15 ? -4.210 12.409  -7.098  1.00 10.00 ? 15 ILE A CG1 1 
ATOM 88  C CG2 . ILE A 1 15 ? -3.725 10.013  -7.596  1.00 10.00 ? 15 ILE A CG2 1 
ATOM 89  C CD1 . ILE A 1 15 ? -3.751 13.842  -6.853  1.00 10.00 ? 15 ILE A CD1 1 
ATOM 90  N N   . GLN A 1 16 ? -0.547 9.626   -7.215  1.00 10.00 ? 16 GLN A N   1 
ATOM 91  C CA  . GLN A 1 16 ? 0.097  8.316   -7.123  1.00 10.00 ? 16 GLN A CA  1 
ATOM 92  C C   . GLN A 1 16 ? 1.224  8.339   -6.098  1.00 10.00 ? 16 GLN A C   1 
ATOM 93  O O   . GLN A 1 16 ? 1.589  7.307   -5.533  1.00 10.00 ? 16 GLN A O   1 
ATOM 94  C CB  . GLN A 1 16 ? 0.566  7.806   -8.495  1.00 10.00 ? 16 GLN A CB  1 
ATOM 95  C CG  . GLN A 1 16 ? 1.368  8.781   -9.339  1.00 10.00 ? 16 GLN A CG  1 
ATOM 96  C CD  . GLN A 1 16 ? 2.863  8.720   -9.086  1.00 10.00 ? 16 GLN A CD  1 
ATOM 97  O OE1 . GLN A 1 16 ? 3.445  9.629   -8.497  1.00 10.00 ? 16 GLN A OE1 1 
ATOM 98  N NE2 . GLN A 1 16 ? 3.495  7.658   -9.558  1.00 10.00 ? 16 GLN A NE2 1 
ATOM 99  N N   . GLY A 1 17 ? 1.725  9.540   -5.827  1.00 10.00 ? 17 GLY A N   1 
ATOM 100 C CA  . GLY A 1 17 ? 2.780  9.714   -4.849  1.00 10.00 ? 17 GLY A CA  1 
ATOM 101 C C   . GLY A 1 17 ? 2.227  9.535   -3.448  1.00 10.00 ? 17 GLY A C   1 
ATOM 102 O O   . GLY A 1 17 ? 2.780  8.777   -2.655  1.00 10.00 ? 17 GLY A O   1 
ATOM 103 N N   . ALA A 1 18 ? 1.120  10.214  -3.152  1.00 10.00 ? 18 ALA A N   1 
ATOM 104 C CA  . ALA A 1 18 ? 0.485  10.116  -1.838  1.00 10.00 ? 18 ALA A CA  1 
ATOM 105 C C   . ALA A 1 18 ? -0.054 8.700   -1.664  1.00 10.00 ? 18 ALA A C   1 
ATOM 106 O O   . ALA A 1 18 ? -0.256 8.228   -0.541  1.00 10.00 ? 18 ALA A O   1 
ATOM 107 C CB  . ALA A 1 18 ? -0.642 11.132  -1.704  1.00 10.00 ? 18 ALA A CB  1 
ATOM 108 N N   . ALA A 1 19 ? -0.289 8.027   -2.783  1.00 10.00 ? 19 ALA A N   1 
ATOM 109 C CA  . ALA A 1 19 ? -0.789 6.660   -2.751  1.00 10.00 ? 19 ALA A CA  1 
ATOM 110 C C   . ALA A 1 19 ? 0.305  5.673   -2.339  1.00 10.00 ? 19 ALA A C   1 
ATOM 111 O O   . ALA A 1 19 ? -0.004 4.577   -1.864  1.00 10.00 ? 19 ALA A O   1 
ATOM 112 C CB  . ALA A 1 19 ? -1.367 6.289   -4.088  1.00 10.00 ? 19 ALA A CB  1 
ATOM 113 N N   . GLY A 1 20 ? 1.560  6.072   -2.505  1.00 10.00 ? 20 GLY A N   1 
ATOM 114 C CA  . GLY A 1 20 ? 2.675  5.216   -2.125  1.00 10.00 ? 20 GLY A CA  1 
ATOM 115 C C   . GLY A 1 20 ? 2.502  4.772   -0.680  1.00 10.00 ? 20 GLY A C   1 
ATOM 116 O O   . GLY A 1 20 ? 2.518  3.568   -0.396  1.00 10.00 ? 20 GLY A O   1 
ATOM 117 N N   . PRO A 1 21 ? 2.327  5.722   0.263   1.00 10.00 ? 21 PRO A N   1 
ATOM 118 C CA  . PRO A 1 21 ? 2.139  5.377   1.677   1.00 10.00 ? 21 PRO A CA  1 
ATOM 119 C C   . PRO A 1 21 ? 0.939  4.464   1.889   1.00 10.00 ? 21 PRO A C   1 
ATOM 120 O O   . PRO A 1 21 ? 0.914  3.702   2.859   1.00 10.00 ? 21 PRO A O   1 
ATOM 121 C CB  . PRO A 1 21 ? 1.935  6.739   2.321   1.00 10.00 ? 21 PRO A CB  1 
ATOM 122 C CG  . PRO A 1 21 ? 2.896  7.552   1.573   1.00 10.00 ? 21 PRO A CG  1 
ATOM 123 C CD  . PRO A 1 21 ? 2.596  7.159   0.135   1.00 10.00 ? 21 PRO A CD  1 
ATOM 124 N N   . ILE A 1 22 ? -0.039 4.549   0.997   1.00 10.00 ? 22 ILE A N   1 
ATOM 125 C CA  . ILE A 1 22 ? -1.227 3.704   1.064   1.00 10.00 ? 22 ILE A CA  1 
ATOM 126 C C   . ILE A 1 22 ? -0.739 2.247   0.858   1.00 10.00 ? 22 ILE A C   1 
ATOM 127 O O   . ILE A 1 22 ? -1.131 1.329   1.585   1.00 10.00 ? 22 ILE A O   1 
ATOM 128 C CB  . ILE A 1 22 ? -2.278 4.135   -0.028  1.00 10.00 ? 22 ILE A CB  1 
ATOM 129 C CG1 . ILE A 1 22 ? -3.466 4.849   0.612   1.00 10.00 ? 22 ILE A CG1 1 
ATOM 130 C CG2 . ILE A 1 22 ? -2.715 2.952   -0.862  1.00 10.00 ? 22 ILE A CG2 1 
ATOM 131 C CD1 . ILE A 1 22 ? -3.114 6.214   1.173   1.00 10.00 ? 22 ILE A CD1 1 
ATOM 132 N N   . ALA A 1 23 ? 0.181  2.066   -0.089  1.00 10.00 ? 23 ALA A N   1 
ATOM 133 C CA  . ALA A 1 23 ? 0.739  0.746   -0.380  1.00 10.00 ? 23 ALA A CA  1 
ATOM 134 C C   . ALA A 1 23 ? 1.587  0.309   0.804   1.00 10.00 ? 23 ALA A C   1 
ATOM 135 O O   . ALA A 1 23 ? 1.754  -0.888  1.046   1.00 10.00 ? 23 ALA A O   1 
ATOM 136 C CB  . ALA A 1 23 ? 1.610  0.788   -1.652  1.00 10.00 ? 23 ALA A CB  1 
ATOM 137 N N   . ALA A 1 24 ? 2.105  1.284   1.550   1.00 10.00 ? 24 ALA A N   1 
ATOM 138 C CA  . ALA A 1 24 ? 2.918  0.976   2.719   1.00 10.00 ? 24 ALA A CA  1 
ATOM 139 C C   . ALA A 1 24 ? 2.059  0.262   3.755   1.00 10.00 ? 24 ALA A C   1 
ATOM 140 O O   . ALA A 1 24 ? 2.521  -0.681  4.400   1.00 10.00 ? 24 ALA A O   1 
ATOM 141 C CB  . ALA A 1 24 ? 3.526  2.243   3.303   1.00 10.00 ? 24 ALA A CB  1 
ATOM 142 N N   . ILE A 1 25 ? 0.803  0.693   3.889   1.00 10.00 ? 25 ILE A N   1 
ATOM 143 C CA  . ILE A 1 25 ? -0.123 0.063   4.823   1.00 10.00 ? 25 ILE A CA  1 
ATOM 144 C C   . ILE A 1 25 ? -0.262 -1.388  4.369   1.00 10.00 ? 25 ILE A C   1 
ATOM 145 O O   . ILE A 1 25 ? -0.414 -2.292  5.185   1.00 10.00 ? 25 ILE A O   1 
ATOM 146 C CB  . ILE A 1 25 ? -1.538 0.691   4.775   1.00 10.00 ? 25 ILE A CB  1 
ATOM 147 C CG1 . ILE A 1 25 ? -1.466 2.214   4.789   1.00 10.00 ? 25 ILE A CG1 1 
ATOM 148 C CG2 . ILE A 1 25 ? -2.341 0.233   5.981   1.00 10.00 ? 25 ILE A CG2 1 
ATOM 149 C CD1 . ILE A 1 25 ? -2.795 2.868   4.510   1.00 10.00 ? 25 ILE A CD1 1 
ATOM 150 N N   . GLY A 1 26 ? -0.189 -1.590  3.056   1.00 10.00 ? 26 GLY A N   1 
ATOM 151 C CA  . GLY A 1 26 ? -0.293 -2.920  2.484   1.00 10.00 ? 26 GLY A CA  1 
ATOM 152 C C   . GLY A 1 26 ? 0.789  -3.842  3.015   1.00 10.00 ? 26 GLY A C   1 
ATOM 153 O O   . GLY A 1 26 ? 0.519  -4.980  3.403   1.00 10.00 ? 26 GLY A O   1 
ATOM 154 N N   . GLY A 1 27 ? 2.016  -3.334  3.052   1.00 10.00 ? 27 GLY A N   1 
ATOM 155 C CA  . GLY A 1 27 ? 3.120  -4.120  3.561   1.00 10.00 ? 27 GLY A CA  1 
ATOM 156 C C   . GLY A 1 27 ? 2.905  -4.429  5.033   1.00 10.00 ? 27 GLY A C   1 
ATOM 157 O O   . GLY A 1 27 ? 2.997  -5.588  5.444   1.00 10.00 ? 27 GLY A O   1 
ATOM 158 N N   . ALA A 1 28 ? 2.580  -3.402  5.818   1.00 10.00 ? 28 ALA A N   1 
ATOM 159 C CA  . ALA A 1 28 ? 2.348  -3.567  7.258   1.00 10.00 ? 28 ALA A CA  1 
ATOM 160 C C   . ALA A 1 28 ? 1.187  -4.503  7.569   1.00 10.00 ? 28 ALA A C   1 
ATOM 161 O O   . ALA A 1 28 ? 1.227  -5.259  8.538   1.00 10.00 ? 28 ALA A O   1 
ATOM 162 C CB  . ALA A 1 28 ? 2.100  -2.214  7.909   1.00 10.00 ? 28 ALA A CB  1 
ATOM 163 N N   . VAL A 1 29 ? 0.141  -4.429  6.757   1.00 10.00 ? 29 VAL A N   1 
ATOM 164 C CA  . VAL A 1 29 ? -1.022 -5.279  6.946   1.00 10.00 ? 29 VAL A CA  1 
ATOM 165 C C   . VAL A 1 29 ? -0.615 -6.728  6.694   1.00 10.00 ? 29 VAL A C   1 
ATOM 166 O O   . VAL A 1 29 ? -1.057 -7.646  7.390   1.00 10.00 ? 29 VAL A O   1 
ATOM 167 C CB  . VAL A 1 29 ? -2.154 -4.861  5.991   1.00 10.00 ? 29 VAL A CB  1 
ATOM 168 C CG1 . VAL A 1 29 ? -3.138 -5.978  5.821   1.00 10.00 ? 29 VAL A CG1 1 
ATOM 169 C CG2 . VAL A 1 29 ? -2.867 -3.638  6.534   1.00 10.00 ? 29 VAL A CG2 1 
ATOM 170 N N   . LEU A 1 30 ? 0.269  -6.908  5.716   1.00 10.00 ? 30 LEU A N   1 
ATOM 171 C CA  . LEU A 1 30 ? 0.759  -8.226  5.356   1.00 10.00 ? 30 LEU A CA  1 
ATOM 172 C C   . LEU A 1 30 ? 1.570  -8.860  6.483   1.00 10.00 ? 30 LEU A C   1 
ATOM 173 O O   . LEU A 1 30 ? 1.442  -10.060 6.728   1.00 10.00 ? 30 LEU A O   1 
ATOM 174 C CB  . LEU A 1 30 ? 1.576  -8.176  4.057   1.00 10.00 ? 30 LEU A CB  1 
ATOM 175 C CG  . LEU A 1 30 ? 0.780  -8.167  2.742   1.00 10.00 ? 30 LEU A CG  1 
ATOM 176 C CD1 . LEU A 1 30 ? 1.705  -8.010  1.540   1.00 10.00 ? 30 LEU A CD1 1 
ATOM 177 C CD2 . LEU A 1 30 ? -0.028 -9.450  2.623   1.00 10.00 ? 30 LEU A CD2 1 
ATOM 178 N N   . THR A 1 31 ? 2.350  -8.053  7.203   1.00 10.00 ? 31 THR A N   1 
ATOM 179 C CA  . THR A 1 31 ? 3.165  -8.585  8.297   1.00 10.00 ? 31 THR A CA  1 
ATOM 180 C C   . THR A 1 31 ? 2.270  -9.275  9.322   1.00 10.00 ? 31 THR A C   1 
ATOM 181 O O   . THR A 1 31 ? 2.519  -10.410 9.726   1.00 10.00 ? 31 THR A O   1 
ATOM 182 C CB  . THR A 1 31 ? 4.012  -7.483  9.005   1.00 10.00 ? 31 THR A CB  1 
ATOM 183 O OG1 . THR A 1 31 ? 3.163  -6.462  9.540   1.00 10.00 ? 31 THR A OG1 1 
ATOM 184 C CG2 . THR A 1 31 ? 4.987  -6.848  8.033   1.00 10.00 ? 31 THR A CG2 1 
ATOM 185 N N   . VAL A 1 32 ? 1.187  -8.596  9.678   1.00 10.00 ? 32 VAL A N   1 
ATOM 186 C CA  . VAL A 1 32 ? 0.242  -9.117  10.652  1.00 10.00 ? 32 VAL A CA  1 
ATOM 187 C C   . VAL A 1 32 ? -0.576 -10.315 10.151  1.00 10.00 ? 32 VAL A C   1 
ATOM 188 O O   . VAL A 1 32 ? -0.604 -11.371 10.785  1.00 10.00 ? 32 VAL A O   1 
ATOM 189 C CB  . VAL A 1 32 ? -0.722 -8.012  11.104  1.00 10.00 ? 32 VAL A CB  1 
ATOM 190 C CG1 . VAL A 1 32 ? -1.910 -8.620  11.815  1.00 10.00 ? 32 VAL A CG1 1 
ATOM 191 C CG2 . VAL A 1 32 ? 0.003  -7.018  12.011  1.00 10.00 ? 32 VAL A CG2 1 
ATOM 192 N N   . MET A 1 33 ? -1.236 -10.134 9.012   1.00 10.00 ? 33 MET A N   1 
ATOM 193 C CA  . MET A 1 33 ? -2.079 -11.181 8.440   1.00 10.00 ? 33 MET A CA  1 
ATOM 194 C C   . MET A 1 33 ? -1.406 -12.532 8.244   1.00 10.00 ? 33 MET A C   1 
ATOM 195 O O   . MET A 1 33 ? -1.964 -13.559 8.625   1.00 10.00 ? 33 MET A O   1 
ATOM 196 C CB  . MET A 1 33 ? -2.746 -10.682 7.161   1.00 10.00 ? 33 MET A CB  1 
ATOM 197 C CG  . MET A 1 33 ? -3.834 -9.666  7.468   1.00 10.00 ? 33 MET A CG  1 
ATOM 198 S SD  . MET A 1 33 ? -4.651 -8.881  6.085   1.00 10.00 ? 33 MET A SD  1 
ATOM 199 C CE  . MET A 1 33 ? -5.604 -7.591  6.977   1.00 10.00 ? 33 MET A CE  1 
ATOM 200 N N   . VAL A 1 34 ? -0.219 -12.547 7.648   1.00 10.00 ? 34 VAL A N   1 
ATOM 201 C CA  . VAL A 1 34 ? 0.475  -13.819 7.476   1.00 10.00 ? 34 VAL A CA  1 
ATOM 202 C C   . VAL A 1 34 ? 0.898  -14.317 8.862   1.00 10.00 ? 34 VAL A C   1 
ATOM 203 O O   . VAL A 1 34 ? 0.960  -15.525 9.123   1.00 10.00 ? 34 VAL A O   1 
ATOM 204 C CB  . VAL A 1 34 ? 1.715  -13.671 6.583   1.00 10.00 ? 34 VAL A CB  1 
ATOM 205 C CG1 . VAL A 1 34 ? 2.724  -12.756 7.243   1.00 10.00 ? 34 VAL A CG1 1 
ATOM 206 C CG2 . VAL A 1 34 ? 2.335  -15.036 6.308   1.00 10.00 ? 34 VAL A CG2 1 
ATOM 207 N N   . GLY A 1 35 ? 1.077  -13.365 9.773   1.00 10.00 ? 35 GLY A N   1 
ATOM 208 C CA  . GLY A 1 35 ? 1.487  -13.670 11.129  1.00 10.00 ? 35 GLY A CA  1 
ATOM 209 C C   . GLY A 1 35 ? 0.462  -14.509 11.839  1.00 10.00 ? 35 GLY A C   1 
ATOM 210 O O   . GLY A 1 35 ? 0.801  -15.533 12.436  1.00 10.00 ? 35 GLY A O   1 
ATOM 211 N N   . ILE A 1 36 ? -0.790 -14.090 11.807  1.00 10.00 ? 36 ILE A N   1 
ATOM 212 C CA  . ILE A 1 36 ? -1.816 -14.874 12.445  1.00 10.00 ? 36 ILE A CA  1 
ATOM 213 C C   . ILE A 1 36 ? -1.996 -16.235 11.811  1.00 10.00 ? 36 ILE A C   1 
ATOM 214 O O   . ILE A 1 36 ? -2.373 -17.184 12.497  1.00 10.00 ? 36 ILE A O   1 
ATOM 215 C CB  . ILE A 1 36 ? -3.166 -14.122 12.575  1.00 10.00 ? 36 ILE A CB  1 
ATOM 216 C CG1 . ILE A 1 36 ? -3.293 -13.027 11.518  1.00 10.00 ? 36 ILE A CG1 1 
ATOM 217 C CG2 . ILE A 1 36 ? -3.328 -13.587 13.978  1.00 10.00 ? 36 ILE A CG2 1 
ATOM 218 C CD1 . ILE A 1 36 ? -4.300 -13.311 10.455  1.00 10.00 ? 36 ILE A CD1 1 
ATOM 219 N N   . LYS A 1 37 ? -1.689 -16.387 10.538  1.00 10.00 ? 37 LYS A N   1 
ATOM 220 C CA  . LYS A 1 37 ? -1.859 -17.720 9.980   1.00 10.00 ? 37 LYS A CA  1 
ATOM 221 C C   . LYS A 1 37 ? -0.676 -18.646 10.148  1.00 10.00 ? 37 LYS A C   1 
ATOM 222 O O   . LYS A 1 37 ? -0.850 -19.854 10.068  1.00 10.00 ? 37 LYS A O   1 
ATOM 223 C CB  . LYS A 1 37 ? -2.367 -17.740 8.553   1.00 10.00 ? 37 LYS A CB  1 
ATOM 224 C CG  . LYS A 1 37 ? -2.855 -19.121 8.063   1.00 10.00 ? 37 LYS A CG  1 
ATOM 225 C CD  . LYS A 1 37 ? -4.203 -18.957 7.378   1.00 10.00 ? 37 LYS A CD  1 
ATOM 226 C CE  . LYS A 1 37 ? -4.440 -20.066 6.387   1.00 10.00 ? 37 LYS A CE  1 
ATOM 227 N NZ  . LYS A 1 37 ? -5.868 -20.036 6.033   1.00 10.00 ? 37 LYS A NZ  1 
ATOM 228 N N   . VAL A 1 38 ? 0.524  -18.111 10.368  1.00 10.00 ? 38 VAL A N   1 
ATOM 229 C CA  . VAL A 1 38 ? 1.683  -18.966 10.616  1.00 10.00 ? 38 VAL A CA  1 
ATOM 230 C C   . VAL A 1 38 ? 1.265  -19.694 11.899  1.00 10.00 ? 38 VAL A C   1 
ATOM 231 O O   . VAL A 1 38 ? 1.575  -20.868 12.096  1.00 10.00 ? 38 VAL A O   1 
ATOM 232 C CB  . VAL A 1 38 ? 2.980  -18.140 10.809  1.00 10.00 ? 38 VAL A CB  1 
ATOM 233 C CG1 . VAL A 1 38 ? 2.973  -17.365 12.106  1.00 10.00 ? 38 VAL A CG1 1 
ATOM 234 C CG2 . VAL A 1 38 ? 4.221  -19.035 10.729  1.00 10.00 ? 38 VAL A CG2 1 
ATOM 235 N N   . TYR A 1 39 ? 0.426  -19.002 12.672  1.00 10.00 ? 39 TYR A N   1 
ATOM 236 C CA  . TYR A 1 39 ? -0.142 -19.517 13.916  1.00 10.00 ? 39 TYR A CA  1 
ATOM 237 C C   . TYR A 1 39 ? -1.171 -20.590 13.537  1.00 10.00 ? 39 TYR A C   1 
ATOM 238 O O   . TYR A 1 39 ? -1.206 -21.672 14.144  1.00 10.00 ? 39 TYR A O   1 
ATOM 239 C CB  . TYR A 1 39 ? -0.738 -18.334 14.719  1.00 10.00 ? 39 TYR A CB  1 
ATOM 240 C CG  . TYR A 1 39 ? -2.149 -18.492 15.291  1.00 10.00 ? 39 TYR A CG  1 
ATOM 241 C CD1 . TYR A 1 39 ? -2.491 -19.573 16.108  1.00 10.00 ? 39 TYR A CD1 1 
ATOM 242 C CD2 . TYR A 1 39 ? -3.140 -17.541 15.024  1.00 10.00 ? 39 TYR A CD2 1 
ATOM 243 C CE1 . TYR A 1 39 ? -3.775 -19.699 16.633  1.00 10.00 ? 39 TYR A CE1 1 
ATOM 244 C CE2 . TYR A 1 39 ? -4.420 -17.662 15.542  1.00 10.00 ? 39 TYR A CE2 1 
ATOM 245 C CZ  . TYR A 1 39 ? -4.736 -18.739 16.344  1.00 10.00 ? 39 TYR A CZ  1 
ATOM 246 O OH  . TYR A 1 39 ? -6.013 -18.852 16.848  1.00 10.00 ? 39 TYR A OH  1 
ATOM 247 N N   . LYS A 1 40 ? -1.926 -20.344 12.466  1.00 10.00 ? 40 LYS A N   1 
ATOM 248 C CA  . LYS A 1 40 ? -2.930 -21.296 11.998  1.00 10.00 ? 40 LYS A CA  1 
ATOM 249 C C   . LYS A 1 40 ? -2.325 -22.581 11.444  1.00 10.00 ? 40 LYS A C   1 
ATOM 250 O O   . LYS A 1 40 ? -2.850 -23.682 11.677  1.00 10.00 ? 40 LYS A O   1 
ATOM 251 C CB  . LYS A 1 40 ? -3.856 -20.655 10.957  1.00 10.00 ? 40 LYS A CB  1 
ATOM 252 C CG  . LYS A 1 40 ? -5.070 -21.518 10.579  1.00 10.00 ? 40 LYS A CG  1 
ATOM 253 C CD  . LYS A 1 40 ? -6.068 -20.744 9.732   1.00 10.00 ? 40 LYS A CD  1 
ATOM 254 C CE  . LYS A 1 40 ? -7.309 -21.575 9.448   1.00 10.00 ? 40 LYS A CE  1 
ATOM 255 N NZ  . LYS A 1 40 ? -8.314 -20.847 8.627   1.00 10.00 ? 40 LYS A NZ  1 
ATOM 256 N N   . TRP A 1 41 ? -1.227 -22.471 10.706  1.00 10.00 ? 41 TRP A N   1 
ATOM 257 C CA  . TRP A 1 41 ? -0.585 -23.647 10.135  1.00 10.00 ? 41 TRP A CA  1 
ATOM 258 C C   . TRP A 1 41 ? 0.173  -24.442 11.182  1.00 10.00 ? 41 TRP A C   1 
ATOM 259 O O   . TRP A 1 41 ? 0.289  -25.662 11.071  1.00 10.00 ? 41 TRP A O   1 
ATOM 260 C CB  . TRP A 1 41 ? 0.316  -23.268 8.961   1.00 10.00 ? 41 TRP A CB  1 
ATOM 261 C CG  . TRP A 1 41 ? -0.466 -23.049 7.692   1.00 10.00 ? 41 TRP A CG  1 
ATOM 262 C CD1 . TRP A 1 41 ? -0.678 -21.873 7.043   1.00 10.00 ? 41 TRP A CD1 1 
ATOM 263 C CD2 . TRP A 1 41 ? -1.186 -24.056 6.962   1.00 10.00 ? 41 TRP A CD2 1 
ATOM 264 N NE1 . TRP A 1 41 ? -1.489 -22.066 5.956   1.00 10.00 ? 41 TRP A NE1 1 
ATOM 265 C CE2 . TRP A 1 41 ? -1.825 -23.403 5.880   1.00 10.00 ? 41 TRP A CE2 1 
ATOM 266 C CE3 . TRP A 1 41 ? -1.367 -25.431 7.111   1.00 10.00 ? 41 TRP A CE3 1 
ATOM 267 C CZ2 . TRP A 1 41 ? -2.621 -24.078 4.956   1.00 10.00 ? 41 TRP A CZ2 1 
ATOM 268 C CZ3 . TRP A 1 41 ? -2.161 -26.111 6.196   1.00 10.00 ? 41 TRP A CZ3 1 
ATOM 269 C CH2 . TRP A 1 41 ? -2.782 -25.428 5.133   1.00 10.00 ? 41 TRP A CH2 1 
ATOM 270 N N   . VAL A 1 42 ? 0.669  -23.755 12.207  1.00 10.00 ? 42 VAL A N   1 
ATOM 271 C CA  . VAL A 1 42 ? 1.376  -24.426 13.278  1.00 10.00 ? 42 VAL A CA  1 
ATOM 272 C C   . VAL A 1 42 ? 0.355  -25.323 13.964  1.00 10.00 ? 42 VAL A C   1 
ATOM 273 O O   . VAL A 1 42 ? 0.532  -26.521 13.974  1.00 10.00 ? 42 VAL A O   1 
ATOM 274 C CB  . VAL A 1 42 ? 2.001  -23.444 14.291  1.00 10.00 ? 42 VAL A CB  1 
ATOM 275 C CG1 . VAL A 1 42 ? 2.559  -24.192 15.488  1.00 10.00 ? 42 VAL A CG1 1 
ATOM 276 C CG2 . VAL A 1 42 ? 3.121  -22.665 13.629  1.00 10.00 ? 42 VAL A CG2 1 
ATOM 277 N N   . ARG A 1 43 ? -0.794 -24.766 14.347  1.00 10.00 ? 43 ARG A N   1 
ATOM 278 C CA  . ARG A 1 43 ? -1.831 -25.556 15.023  1.00 10.00 ? 43 ARG A CA  1 
ATOM 279 C C   . ARG A 1 43 ? -2.372 -26.725 14.188  1.00 10.00 ? 43 ARG A C   1 
ATOM 280 O O   . ARG A 1 43 ? -2.956 -27.665 14.730  1.00 10.00 ? 43 ARG A O   1 
ATOM 281 C CB  . ARG A 1 43 ? -2.980 -24.671 15.532  1.00 10.00 ? 43 ARG A CB  1 
ATOM 282 C CG  . ARG A 1 43 ? -3.664 -23.824 14.469  1.00 10.00 ? 43 ARG A CG  1 
ATOM 283 C CD  . ARG A 1 43 ? -4.764 -22.965 15.049  1.00 10.00 ? 43 ARG A CD  1 
ATOM 284 N NE  . ARG A 1 43 ? -5.188 -21.920 14.121  1.00 10.00 ? 43 ARG A NE  1 
ATOM 285 C CZ  . ARG A 1 43 ? -6.186 -21.069 14.361  1.00 10.00 ? 43 ARG A CZ  1 
ATOM 286 N NH1 . ARG A 1 43 ? -6.872 -21.160 15.492  1.00 10.00 ? 43 ARG A NH1 1 
ATOM 287 N NH2 . ARG A 1 43 ? -6.439 -20.095 13.500  1.00 10.00 ? 43 ARG A NH2 1 
ATOM 288 N N   . ARG A 1 44 ? -2.207 -26.639 12.870  1.00 10.00 ? 44 ARG A N   1 
ATOM 289 C CA  . ARG A 1 44 ? -2.640 -27.692 11.952  1.00 10.00 ? 44 ARG A CA  1 
ATOM 290 C C   . ARG A 1 44 ? -1.669 -28.840 12.256  1.00 10.00 ? 44 ARG A C   1 
ATOM 291 O O   . ARG A 1 44 ? -2.041 -29.945 12.649  1.00 10.00 ? 44 ARG A O   1 
ATOM 292 C CB  . ARG A 1 44 ? -2.436 -27.190 10.519  1.00 10.00 ? 44 ARG A CB  1 
ATOM 293 C CG  . ARG A 1 44 ? -3.167 -27.975 9.465   1.00 10.00 ? 44 ARG A CG  1 
ATOM 294 C CD  . ARG A 1 44 ? -4.389 -27.213 9.002   1.00 10.00 ? 44 ARG A CD  1 
ATOM 295 N NE  . ARG A 1 44 ? -5.143 -27.941 7.990   1.00 10.00 ? 44 ARG A NE  1 
ATOM 296 C CZ  . ARG A 1 44 ? -5.975 -27.373 7.124   1.00 10.00 ? 44 ARG A CZ  1 
ATOM 297 N NH1 . ARG A 1 44 ? -6.152 -26.058 7.130   1.00 10.00 ? 44 ARG A NH1 1 
ATOM 298 N NH2 . ARG A 1 44 ? -6.638 -28.124 6.262   1.00 10.00 ? 44 ARG A NH2 1 
ATOM 299 N N   . ALA A 1 45 ? -0.406 -28.483 12.123  1.00 10.00 ? 45 ALA A N   1 
ATOM 300 C CA  . ALA A 1 45 ? 0.786  -29.286 12.383  1.00 10.00 ? 45 ALA A CA  1 
ATOM 301 C C   . ALA A 1 45 ? 1.104  -29.072 13.869  1.00 10.00 ? 45 ALA A C   1 
ATOM 302 O O   . ALA A 1 45 ? 2.263  -29.200 14.253  1.00 10.00 ? 45 ALA A O   1 
ATOM 303 C CB  . ALA A 1 45 ? 1.945  -28.805 11.519  1.00 10.00 ? 45 ALA A CB  1 
ATOM 304 N N   . MET A 1 46 ? 0.061  -28.851 14.677  1.00 10.00 ? 46 MET A N   1 
ATOM 305 C CA  . MET A 1 46 ? 0.102  -28.385 16.078  1.00 10.00 ? 46 MET A CA  1 
ATOM 306 C C   . MET A 1 46 ? 1.428  -27.879 16.639  1.00 10.00 ? 46 MET A C   1 
ATOM 307 O O   . MET A 1 46 ? 1.419  -26.692 17.040  1.00 10.00 ? 46 MET A O   1 
ATOM 308 C CB  . MET A 1 46 ? -0.294 -29.488 17.046  1.00 10.00 ? 46 MET A CB  1 
ATOM 309 C CG  . MET A 1 46 ? -1.252 -30.528 16.608  1.00 10.00 ? 46 MET A CG  1 
ATOM 310 S SD  . MET A 1 46 ? -1.474 -31.491 18.093  1.00 10.00 ? 46 MET A SD  1 
ATOM 311 C CE  . MET A 1 46 ? 0.208  -31.405 18.912  1.00 10.00 ? 46 MET A CE  1 
ATOM 312 O OXT . MET A 1 46 ? 2.414  -28.630 16.673  1.00 10.00 ? 46 MET A OXT 1 
# 
